data_3UXP
#
_entry.id   3UXP
#
_cell.length_a   100.321
_cell.length_b   56.607
_cell.length_c   93.144
_cell.angle_alpha   90.00
_cell.angle_beta   102.04
_cell.angle_gamma   90.00
#
_symmetry.space_group_name_H-M   'P 1 21 1'
#
loop_
_entity.id
_entity.type
_entity.pdbx_description
1 polymer 'DNA polymerase beta'
2 polymer "DNA 5'-D(P*AP*TP*GP*TP*GP*AP*G)-3'"
3 polymer "DNA 5'-D(P*AP*CP*TP*CP*AP*CP*AP*TP*A)-3'"
4 non-polymer "2',3'-DIDEOXY-THYMIDINE-5'-TRIPHOSPHATE"
5 non-polymer 'SODIUM ION'
6 water water
#
loop_
_entity_poly.entity_id
_entity_poly.type
_entity_poly.pdbx_seq_one_letter_code
_entity_poly.pdbx_strand_id
1 'polypeptide(L)'
;MSKRKAPQETLNGGITDMLVELANFEKNVSQAIHKYNAYRKAASVIAKYPHKIKSGAEAKKLPGVGTKIAEKIDEFLATG
KLRKLEKIRQDDTSSSINFLTRVTGIGPSAARKLVDEGIKTLEDLRKNEDKLNHHQRIGLKYFEDFEKRIPREEMLQMQD
IVLNEVKKLDPEYIATVCGSFRRGAESSGDMDVLLTHPNFTSESSKQPKLLHRVVEQLQKVRFITDTLSKGETKFMGVCQ
LPSENDENEYPHRRIDIRLQPKDQYYCGVLYFTGSDIFNKNMRAHALEKGFTINEYTIRPLGVTGVAGEPLPVDSEQDIF
DYIQWRYREPKDRSE
;
A,B
2 'polydeoxyribonucleotide' (DA)(DT)(DG)(DT)(DG)(DA)(DG) P,D
3 'polydeoxyribonucleotide' (DA)(DC)(DT)(DC)(DA)(DC)(DA)(DT)(DA) T,E
#
loop_
_chem_comp.id
_chem_comp.type
_chem_comp.name
_chem_comp.formula
D3T DNA OH 3 prime terminus 2',3'-DIDEOXY-THYMIDINE-5'-TRIPHOSPHATE 'C10 H17 N2 O13 P3'
DA DNA linking 2'-DEOXYADENOSINE-5'-MONOPHOSPHATE 'C10 H14 N5 O6 P'
DC DNA linking 2'-DEOXYCYTIDINE-5'-MONOPHOSPHATE 'C9 H14 N3 O7 P'
DG DNA linking 2'-DEOXYGUANOSINE-5'-MONOPHOSPHATE 'C10 H14 N5 O7 P'
DT DNA linking THYMIDINE-5'-MONOPHOSPHATE 'C10 H15 N2 O8 P'
NA non-polymer 'SODIUM ION' 'Na 1'
#
# COMPACT_ATOMS: atom_id res chain seq x y z
N GLU A 9 -1.42 -2.39 -38.47
CA GLU A 9 -2.80 -2.85 -38.57
C GLU A 9 -3.34 -2.68 -39.99
N THR A 10 -2.46 -2.29 -40.91
CA THR A 10 -2.88 -2.03 -42.29
C THR A 10 -2.77 -3.27 -43.20
N LEU A 11 -3.16 -3.11 -44.46
CA LEU A 11 -3.02 -4.18 -45.44
C LEU A 11 -1.57 -4.23 -45.98
N ASN A 12 -0.61 -4.08 -45.07
CA ASN A 12 0.83 -4.19 -45.38
C ASN A 12 1.47 -5.35 -44.62
N GLY A 13 0.65 -6.30 -44.20
CA GLY A 13 1.07 -7.39 -43.33
C GLY A 13 2.29 -8.17 -43.79
N GLY A 14 2.21 -8.73 -45.00
CA GLY A 14 3.30 -9.55 -45.54
C GLY A 14 4.66 -8.92 -45.38
N ILE A 15 4.77 -7.67 -45.82
CA ILE A 15 5.96 -6.86 -45.67
C ILE A 15 6.47 -6.88 -44.23
N THR A 16 5.60 -6.54 -43.28
CA THR A 16 6.00 -6.44 -41.89
C THR A 16 6.21 -7.81 -41.26
N ASP A 17 5.62 -8.85 -41.86
CA ASP A 17 5.84 -10.22 -41.41
C ASP A 17 7.31 -10.54 -41.55
N MET A 18 7.76 -10.63 -42.79
CA MET A 18 9.15 -10.95 -43.09
C MET A 18 10.16 -10.01 -42.40
N LEU A 19 9.73 -8.79 -42.08
CA LEU A 19 10.58 -7.83 -41.38
C LEU A 19 10.78 -8.28 -39.93
N VAL A 20 9.69 -8.72 -39.32
CA VAL A 20 9.69 -9.20 -37.94
C VAL A 20 10.48 -10.51 -37.79
N GLU A 21 10.32 -11.42 -38.76
CA GLU A 21 11.02 -12.70 -38.75
C GLU A 21 12.52 -12.52 -38.99
N LEU A 22 12.87 -11.41 -39.60
CA LEU A 22 14.24 -11.15 -40.00
C LEU A 22 15.01 -10.63 -38.80
N ALA A 23 14.26 -10.10 -37.83
CA ALA A 23 14.82 -9.56 -36.60
C ALA A 23 14.89 -10.65 -35.55
N ASN A 24 13.81 -11.42 -35.43
CA ASN A 24 13.77 -12.63 -34.60
C ASN A 24 14.91 -13.60 -34.92
N PHE A 25 15.66 -13.30 -35.99
CA PHE A 25 16.87 -14.03 -36.35
C PHE A 25 18.11 -13.30 -35.85
N GLU A 26 18.11 -11.97 -35.94
CA GLU A 26 19.29 -11.22 -35.57
C GLU A 26 19.38 -11.18 -34.05
N LYS A 27 18.23 -11.39 -33.45
CA LYS A 27 18.12 -11.56 -32.01
C LYS A 27 18.67 -12.92 -31.62
N ASN A 28 17.99 -13.97 -32.06
CA ASN A 28 18.27 -15.33 -31.64
C ASN A 28 19.56 -15.94 -32.20
N VAL A 29 19.91 -15.59 -33.42
CA VAL A 29 21.02 -16.28 -34.08
C VAL A 29 22.24 -15.38 -34.24
N SER A 30 22.00 -14.13 -34.62
CA SER A 30 23.14 -13.25 -34.78
C SER A 30 23.55 -12.64 -33.45
N GLN A 31 24.68 -11.96 -33.50
CA GLN A 31 25.08 -11.13 -32.40
C GLN A 31 24.02 -10.07 -32.17
N ALA A 32 23.59 -9.45 -33.27
CA ALA A 32 23.12 -8.06 -33.28
C ALA A 32 21.78 -7.74 -32.64
N ILE A 33 21.81 -6.75 -31.75
CA ILE A 33 20.61 -6.27 -31.10
C ILE A 33 20.13 -5.02 -31.87
N HIS A 34 21.08 -4.27 -32.40
CA HIS A 34 20.78 -3.05 -33.13
C HIS A 34 20.16 -3.35 -34.49
N LYS A 35 20.68 -4.34 -35.18
CA LYS A 35 19.99 -4.89 -36.32
C LYS A 35 18.59 -5.40 -35.92
N TYR A 36 18.47 -5.96 -34.71
CA TYR A 36 17.16 -6.42 -34.20
C TYR A 36 16.19 -5.26 -33.97
N ASN A 37 16.73 -4.14 -33.50
CA ASN A 37 15.89 -2.97 -33.28
C ASN A 37 15.51 -2.33 -34.60
N ALA A 38 16.53 -2.08 -35.44
CA ALA A 38 16.28 -1.46 -36.75
C ALA A 38 15.19 -2.20 -37.48
N TYR A 39 15.29 -3.53 -37.60
CA TYR A 39 14.24 -4.29 -38.30
C TYR A 39 12.88 -4.20 -37.60
N ARG A 40 12.87 -4.09 -36.29
CA ARG A 40 11.58 -4.04 -35.58
C ARG A 40 10.91 -2.67 -35.71
N LYS A 41 11.67 -1.58 -35.57
CA LYS A 41 11.07 -0.24 -35.67
C LYS A 41 10.65 0.02 -37.10
N ALA A 42 11.32 -0.62 -38.05
CA ALA A 42 10.88 -0.56 -39.42
C ALA A 42 9.53 -1.24 -39.54
N ALA A 43 9.36 -2.39 -38.89
CA ALA A 43 8.07 -3.08 -38.91
C ALA A 43 7.01 -2.13 -38.38
N SER A 44 7.34 -1.47 -37.28
CA SER A 44 6.47 -0.50 -36.65
C SER A 44 6.02 0.60 -37.61
N VAL A 45 6.96 1.29 -38.24
CA VAL A 45 6.59 2.40 -39.14
C VAL A 45 5.66 1.96 -40.27
N ILE A 46 5.93 0.79 -40.84
CA ILE A 46 5.17 0.30 -41.96
C ILE A 46 3.75 -0.11 -41.52
N ALA A 47 3.62 -0.58 -40.28
CA ALA A 47 2.34 -1.00 -39.73
C ALA A 47 1.32 0.14 -39.62
N LYS A 48 1.79 1.30 -39.15
CA LYS A 48 0.92 2.45 -38.95
C LYS A 48 0.64 3.19 -40.27
N TYR A 49 1.38 2.82 -41.31
CA TYR A 49 1.30 3.50 -42.60
C TYR A 49 -0.08 3.34 -43.23
N PRO A 50 -0.74 4.48 -43.55
CA PRO A 50 -2.09 4.56 -44.14
C PRO A 50 -2.25 3.87 -45.51
N HIS A 51 -1.21 3.86 -46.33
CA HIS A 51 -1.33 3.33 -47.69
C HIS A 51 -0.73 1.93 -47.86
N LYS A 52 -1.05 1.33 -49.00
CA LYS A 52 -0.49 0.05 -49.43
C LYS A 52 0.75 0.31 -50.26
N ILE A 53 1.86 -0.31 -49.83
CA ILE A 53 3.19 -0.05 -50.36
C ILE A 53 3.50 -0.91 -51.59
N LYS A 54 3.90 -0.24 -52.68
CA LYS A 54 4.13 -0.89 -53.96
C LYS A 54 5.53 -0.63 -54.49
N SER A 55 6.32 0.09 -53.70
CA SER A 55 7.70 0.36 -54.06
C SER A 55 8.60 0.17 -52.86
N GLY A 56 9.89 0.01 -53.10
CA GLY A 56 10.84 -0.02 -52.01
C GLY A 56 11.23 1.38 -51.57
N ALA A 57 11.20 2.33 -52.50
CA ALA A 57 11.63 3.67 -52.18
C ALA A 57 10.48 4.46 -51.56
N GLU A 58 9.29 3.89 -51.61
CA GLU A 58 8.12 4.49 -51.00
C GLU A 58 8.12 4.25 -49.49
N ALA A 59 8.54 3.05 -49.08
CA ALA A 59 8.66 2.71 -47.65
C ALA A 59 9.87 3.42 -47.05
N LYS A 60 10.82 3.74 -47.91
CA LYS A 60 12.07 4.39 -47.55
C LYS A 60 11.87 5.83 -47.12
N LYS A 61 10.86 6.50 -47.66
CA LYS A 61 10.57 7.88 -47.28
C LYS A 61 10.35 7.98 -45.77
N LEU A 62 9.89 6.88 -45.17
CA LEU A 62 9.66 6.78 -43.74
C LEU A 62 10.99 6.81 -42.98
N PRO A 63 10.95 7.34 -41.75
CA PRO A 63 12.12 7.25 -40.87
C PRO A 63 12.26 5.83 -40.31
N GLY A 64 13.46 5.26 -40.34
CA GLY A 64 13.64 3.90 -39.85
C GLY A 64 13.84 2.86 -40.95
N VAL A 65 13.24 3.12 -42.11
CA VAL A 65 13.52 2.34 -43.29
C VAL A 65 14.60 3.05 -44.09
N GLY A 66 15.65 2.31 -44.45
CA GLY A 66 16.82 2.86 -45.11
C GLY A 66 17.38 1.89 -46.14
N THR A 67 18.52 2.24 -46.74
CA THR A 67 19.00 1.63 -47.98
C THR A 67 18.93 0.10 -48.10
N LYS A 68 19.54 -0.61 -47.15
CA LYS A 68 19.57 -2.08 -47.19
C LYS A 68 18.26 -2.69 -46.72
N ILE A 69 17.57 -1.99 -45.84
CA ILE A 69 16.31 -2.50 -45.32
C ILE A 69 15.20 -2.25 -46.34
N ALA A 70 15.47 -1.39 -47.32
CA ALA A 70 14.49 -1.04 -48.37
C ALA A 70 14.79 -1.71 -49.70
N GLU A 71 16.05 -2.12 -49.88
CA GLU A 71 16.43 -3.00 -50.99
C GLU A 71 15.70 -4.34 -50.89
N LYS A 72 15.70 -4.91 -49.68
CA LYS A 72 15.05 -6.20 -49.43
C LYS A 72 13.55 -6.13 -49.72
N ILE A 73 12.90 -5.02 -49.35
CA ILE A 73 11.48 -4.83 -49.63
C ILE A 73 11.17 -4.88 -51.11
N ASP A 74 12.08 -4.36 -51.92
CA ASP A 74 11.93 -4.45 -53.37
C ASP A 74 11.81 -5.92 -53.76
N GLU A 75 12.71 -6.76 -53.24
CA GLU A 75 12.67 -8.19 -53.53
C GLU A 75 11.30 -8.79 -53.20
N PHE A 76 10.85 -8.61 -51.96
CA PHE A 76 9.54 -9.09 -51.50
C PHE A 76 8.40 -8.71 -52.43
N LEU A 77 8.51 -7.54 -53.05
CA LEU A 77 7.42 -6.96 -53.81
C LEU A 77 7.68 -7.19 -55.28
N ALA A 78 8.83 -7.79 -55.56
CA ALA A 78 9.22 -8.11 -56.93
C ALA A 78 9.09 -9.60 -57.22
N THR A 79 9.78 -10.41 -56.40
CA THR A 79 9.78 -11.86 -56.55
C THR A 79 9.39 -12.50 -55.23
N GLY A 80 8.20 -13.10 -55.21
CA GLY A 80 7.68 -13.84 -54.07
C GLY A 80 8.06 -13.33 -52.68
N LYS A 81 9.13 -13.88 -52.13
CA LYS A 81 9.59 -13.53 -50.79
C LYS A 81 11.04 -13.04 -50.83
N LEU A 82 11.82 -13.40 -49.81
CA LEU A 82 13.25 -13.08 -49.75
C LEU A 82 14.14 -14.32 -49.61
N ARG A 83 15.24 -14.34 -50.38
CA ARG A 83 16.22 -15.44 -50.38
C ARG A 83 16.88 -15.67 -49.01
N LYS A 84 17.19 -14.58 -48.31
CA LYS A 84 17.86 -14.62 -47.00
C LYS A 84 17.03 -15.38 -45.96
N LEU A 85 15.72 -15.11 -45.94
CA LEU A 85 14.80 -15.75 -44.99
C LEU A 85 14.52 -17.21 -45.39
N GLU A 86 15.07 -17.65 -46.52
CA GLU A 86 14.92 -19.05 -46.93
C GLU A 86 16.13 -19.86 -46.51
N LYS A 87 17.31 -19.30 -46.67
CA LYS A 87 18.53 -19.92 -46.16
C LYS A 87 18.48 -20.05 -44.63
N ILE A 88 17.66 -19.21 -44.01
CA ILE A 88 17.53 -19.18 -42.56
C ILE A 88 16.52 -20.20 -42.08
N ARG A 89 15.42 -20.29 -42.79
CA ARG A 89 14.35 -21.16 -42.37
C ARG A 89 14.74 -22.59 -42.64
N GLN A 90 15.73 -22.76 -43.51
CA GLN A 90 16.19 -24.08 -43.95
C GLN A 90 17.56 -24.42 -43.34
N ASP A 91 17.93 -23.69 -42.29
CA ASP A 91 19.18 -23.96 -41.58
C ASP A 91 18.87 -24.81 -40.35
N ASP A 92 19.73 -25.78 -40.07
CA ASP A 92 19.57 -26.60 -38.87
C ASP A 92 19.87 -25.79 -37.59
N THR A 93 20.96 -25.04 -37.60
CA THR A 93 21.40 -24.28 -36.42
C THR A 93 20.33 -23.27 -35.97
N SER A 94 20.04 -22.32 -36.86
CA SER A 94 18.98 -21.35 -36.64
C SER A 94 17.70 -21.95 -36.10
N SER A 95 17.19 -22.99 -36.73
CA SER A 95 15.91 -23.53 -36.28
C SER A 95 16.01 -24.07 -34.86
N SER A 96 17.19 -24.58 -34.51
CA SER A 96 17.40 -25.20 -33.22
C SER A 96 17.61 -24.15 -32.12
N ILE A 97 18.40 -23.12 -32.40
CA ILE A 97 18.49 -21.98 -31.47
C ILE A 97 17.08 -21.48 -31.15
N ASN A 98 16.30 -21.19 -32.20
CA ASN A 98 14.90 -20.83 -32.01
C ASN A 98 14.10 -21.82 -31.18
N PHE A 99 14.34 -23.10 -31.32
CA PHE A 99 13.61 -24.04 -30.48
C PHE A 99 14.03 -23.90 -29.02
N LEU A 100 15.34 -23.84 -28.77
CA LEU A 100 15.86 -23.87 -27.40
C LEU A 100 15.40 -22.63 -26.63
N THR A 101 15.59 -21.49 -27.25
CA THR A 101 14.94 -20.25 -26.84
C THR A 101 13.55 -20.38 -26.16
N ARG A 102 12.78 -21.40 -26.53
CA ARG A 102 11.42 -21.60 -26.04
C ARG A 102 11.29 -22.16 -24.61
N VAL A 103 12.39 -22.65 -24.03
CA VAL A 103 12.37 -22.93 -22.60
C VAL A 103 12.76 -21.67 -21.78
N THR A 104 11.98 -21.41 -20.73
CA THR A 104 12.16 -20.23 -19.89
C THR A 104 13.48 -20.43 -19.14
N GLY A 105 14.33 -19.41 -19.15
CA GLY A 105 15.63 -19.54 -18.53
C GLY A 105 16.71 -19.63 -19.59
N ILE A 106 16.36 -20.20 -20.74
CA ILE A 106 17.24 -20.16 -21.92
C ILE A 106 16.81 -19.08 -22.91
N GLY A 107 17.78 -18.27 -23.31
CA GLY A 107 17.57 -17.41 -24.45
C GLY A 107 18.76 -17.50 -25.38
N PRO A 108 18.95 -16.48 -26.22
CA PRO A 108 20.01 -16.40 -27.22
C PRO A 108 21.36 -16.97 -26.77
N SER A 109 21.97 -16.41 -25.74
CA SER A 109 23.36 -16.76 -25.45
C SER A 109 23.54 -18.24 -25.13
N ALA A 110 22.75 -18.74 -24.20
CA ALA A 110 22.81 -20.14 -23.81
C ALA A 110 22.43 -21.10 -24.94
N ALA A 111 21.39 -20.76 -25.72
CA ALA A 111 21.02 -21.62 -26.86
C ALA A 111 22.19 -21.77 -27.85
N ARG A 112 22.74 -20.64 -28.29
CA ARG A 112 23.99 -20.60 -29.06
C ARG A 112 25.01 -21.56 -28.50
N LYS A 113 25.22 -21.49 -27.18
CA LYS A 113 26.25 -22.27 -26.54
C LYS A 113 25.89 -23.75 -26.61
N LEU A 114 24.61 -24.05 -26.34
CA LEU A 114 24.10 -25.43 -26.40
C LEU A 114 24.13 -26.04 -27.81
N VAL A 115 23.74 -25.26 -28.80
CA VAL A 115 23.64 -25.75 -30.18
C VAL A 115 25.04 -25.90 -30.74
N ASP A 116 25.95 -25.05 -30.29
CA ASP A 116 27.37 -25.23 -30.58
C ASP A 116 27.88 -26.59 -30.09
N GLU A 117 27.24 -27.15 -29.07
CA GLU A 117 27.68 -28.40 -28.48
C GLU A 117 26.76 -29.54 -28.88
N GLY A 118 26.03 -29.36 -29.98
CA GLY A 118 25.21 -30.42 -30.53
C GLY A 118 23.95 -30.72 -29.72
N ILE A 119 23.60 -29.78 -28.84
CA ILE A 119 22.38 -29.90 -28.04
C ILE A 119 21.27 -29.07 -28.68
N LYS A 120 20.18 -29.72 -29.07
CA LYS A 120 19.22 -29.09 -29.99
C LYS A 120 17.76 -29.39 -29.65
N THR A 121 17.51 -30.39 -28.81
CA THR A 121 16.11 -30.68 -28.50
C THR A 121 15.85 -31.08 -27.04
N LEU A 122 14.57 -31.24 -26.70
CA LEU A 122 14.19 -31.71 -25.37
C LEU A 122 14.94 -32.97 -24.95
N GLU A 123 14.91 -34.00 -25.78
CA GLU A 123 15.66 -35.21 -25.49
C GLU A 123 17.12 -34.87 -25.30
N ASP A 124 17.65 -34.03 -26.18
CA ASP A 124 19.04 -33.59 -26.08
C ASP A 124 19.28 -32.95 -24.71
N LEU A 125 18.38 -32.04 -24.31
CA LEU A 125 18.47 -31.34 -23.02
C LEU A 125 18.37 -32.26 -21.79
N ARG A 126 17.37 -33.14 -21.77
CA ARG A 126 17.13 -34.00 -20.61
C ARG A 126 18.34 -34.87 -20.29
N LYS A 127 19.06 -35.26 -21.33
CA LYS A 127 20.31 -36.00 -21.14
C LYS A 127 21.44 -35.03 -20.79
N ASN A 128 21.13 -33.74 -20.66
CA ASN A 128 22.17 -32.77 -20.41
C ASN A 128 21.78 -31.65 -19.46
N GLU A 129 21.14 -32.02 -18.36
CA GLU A 129 20.72 -31.04 -17.37
C GLU A 129 21.91 -30.46 -16.60
N ASP A 130 23.06 -31.09 -16.72
CA ASP A 130 24.27 -30.65 -16.03
C ASP A 130 24.69 -29.29 -16.55
N LYS A 131 24.31 -29.01 -17.79
CA LYS A 131 24.72 -27.81 -18.51
C LYS A 131 23.84 -26.63 -18.13
N LEU A 132 22.65 -26.96 -17.62
CA LEU A 132 21.64 -25.96 -17.34
C LEU A 132 21.75 -25.42 -15.92
N ASN A 133 21.38 -24.14 -15.72
CA ASN A 133 21.23 -23.59 -14.38
C ASN A 133 19.87 -23.98 -13.84
N HIS A 134 19.52 -23.51 -12.66
CA HIS A 134 18.32 -24.03 -12.01
C HIS A 134 17.05 -23.57 -12.73
N HIS A 135 17.07 -22.32 -13.15
CA HIS A 135 15.93 -21.70 -13.83
C HIS A 135 15.57 -22.55 -15.03
N GLN A 136 16.57 -22.75 -15.87
CA GLN A 136 16.42 -23.46 -17.12
C GLN A 136 15.88 -24.87 -16.90
N ARG A 137 16.38 -25.52 -15.86
CA ARG A 137 16.04 -26.91 -15.53
C ARG A 137 14.57 -27.12 -15.21
N ILE A 138 13.93 -26.08 -14.70
CA ILE A 138 12.53 -26.10 -14.35
C ILE A 138 11.72 -25.76 -15.60
N GLY A 139 12.31 -24.93 -16.45
CA GLY A 139 11.69 -24.62 -17.71
C GLY A 139 11.61 -25.89 -18.53
N LEU A 140 12.70 -26.64 -18.50
CA LEU A 140 12.74 -27.94 -19.13
C LEU A 140 11.65 -28.79 -18.54
N LYS A 141 11.85 -29.19 -17.28
CA LYS A 141 10.94 -30.08 -16.59
C LYS A 141 9.46 -29.80 -16.84
N TYR A 142 9.12 -28.55 -17.13
CA TYR A 142 7.73 -28.16 -17.36
C TYR A 142 7.50 -27.51 -18.73
N PHE A 143 8.26 -27.95 -19.73
CA PHE A 143 8.19 -27.32 -21.04
C PHE A 143 6.79 -27.39 -21.64
N GLU A 144 6.23 -28.60 -21.65
CA GLU A 144 4.98 -28.86 -22.36
C GLU A 144 3.88 -27.89 -21.97
N ASP A 145 3.53 -27.85 -20.69
CA ASP A 145 2.45 -26.99 -20.21
C ASP A 145 2.78 -25.50 -20.05
N PHE A 146 4.06 -25.17 -19.93
CA PHE A 146 4.44 -23.77 -19.95
C PHE A 146 4.03 -23.10 -21.26
N GLU A 147 3.98 -23.89 -22.34
CA GLU A 147 3.50 -23.37 -23.62
C GLU A 147 1.98 -23.43 -23.73
N LYS A 148 1.36 -24.32 -22.94
CA LYS A 148 -0.09 -24.29 -22.75
C LYS A 148 -0.55 -22.99 -22.08
N ARG A 149 -1.79 -22.59 -22.35
CA ARG A 149 -2.38 -21.40 -21.75
C ARG A 149 -3.49 -21.81 -20.77
N ILE A 150 -4.02 -20.83 -20.02
CA ILE A 150 -4.91 -21.13 -18.90
C ILE A 150 -6.31 -20.59 -19.12
N PRO A 151 -7.34 -21.43 -18.87
CA PRO A 151 -8.71 -20.92 -18.96
C PRO A 151 -9.05 -20.04 -17.74
N ARG A 152 -10.14 -19.27 -17.80
CA ARG A 152 -10.53 -18.47 -16.65
C ARG A 152 -11.09 -19.30 -15.49
N GLU A 153 -12.09 -20.14 -15.78
CA GLU A 153 -12.63 -21.09 -14.80
C GLU A 153 -11.55 -21.68 -13.91
N GLU A 154 -10.40 -21.94 -14.51
CA GLU A 154 -9.23 -22.43 -13.79
C GLU A 154 -8.38 -21.28 -13.24
N MET A 155 -8.43 -20.13 -13.90
CA MET A 155 -7.63 -18.99 -13.47
C MET A 155 -8.14 -18.44 -12.13
N LEU A 156 -9.43 -18.11 -12.10
CA LEU A 156 -10.13 -17.73 -10.88
C LEU A 156 -9.79 -18.67 -9.73
N GLN A 157 -9.89 -19.97 -9.99
CA GLN A 157 -9.68 -21.00 -8.97
C GLN A 157 -8.38 -20.78 -8.18
N MET A 158 -7.38 -20.20 -8.84
CA MET A 158 -6.09 -19.95 -8.21
C MET A 158 -6.16 -18.66 -7.42
N GLN A 159 -6.82 -17.66 -8.00
CA GLN A 159 -7.08 -16.38 -7.34
C GLN A 159 -7.81 -16.59 -6.00
N ASP A 160 -8.86 -17.43 -6.03
CA ASP A 160 -9.59 -17.74 -4.80
C ASP A 160 -8.75 -18.59 -3.85
N ILE A 161 -7.53 -18.93 -4.26
CA ILE A 161 -6.62 -19.72 -3.44
C ILE A 161 -5.47 -18.82 -2.98
N VAL A 162 -5.21 -17.76 -3.73
CA VAL A 162 -4.19 -16.82 -3.30
C VAL A 162 -4.85 -15.74 -2.42
N LEU A 163 -6.03 -15.26 -2.81
CA LEU A 163 -6.76 -14.29 -1.99
C LEU A 163 -7.14 -14.88 -0.63
N ASN A 164 -7.59 -16.13 -0.63
CA ASN A 164 -8.01 -16.84 0.58
C ASN A 164 -6.89 -17.25 1.53
N GLU A 165 -5.73 -17.59 0.99
CA GLU A 165 -4.60 -18.01 1.82
C GLU A 165 -3.81 -16.82 2.34
N VAL A 166 -3.73 -15.78 1.53
CA VAL A 166 -3.01 -14.58 1.92
C VAL A 166 -3.75 -13.84 3.06
N LYS A 167 -5.08 -13.91 3.06
CA LYS A 167 -5.89 -13.29 4.10
C LYS A 167 -5.89 -14.12 5.38
N LYS A 168 -5.79 -15.43 5.25
CA LYS A 168 -5.72 -16.30 6.42
C LYS A 168 -4.41 -16.06 7.16
N LEU A 169 -3.39 -15.65 6.41
CA LEU A 169 -2.06 -15.42 6.97
C LEU A 169 -2.01 -14.17 7.84
N ASP A 170 -2.68 -13.12 7.36
CA ASP A 170 -2.56 -11.77 7.91
C ASP A 170 -3.45 -10.89 7.06
N PRO A 171 -4.64 -10.56 7.57
CA PRO A 171 -5.72 -9.84 6.87
C PRO A 171 -5.35 -8.44 6.35
N GLU A 172 -4.17 -7.95 6.69
CA GLU A 172 -3.72 -6.67 6.16
C GLU A 172 -3.21 -6.79 4.75
N TYR A 173 -2.95 -8.02 4.31
CA TYR A 173 -2.39 -8.28 2.99
C TYR A 173 -3.44 -7.98 1.94
N ILE A 174 -3.01 -7.33 0.86
CA ILE A 174 -3.87 -7.21 -0.33
C ILE A 174 -3.18 -7.86 -1.53
N ALA A 175 -3.93 -8.76 -2.18
CA ALA A 175 -3.50 -9.41 -3.42
C ALA A 175 -4.45 -9.06 -4.57
N THR A 176 -3.90 -8.41 -5.58
CA THR A 176 -4.64 -8.11 -6.81
C THR A 176 -4.01 -8.81 -8.02
N VAL A 177 -4.74 -9.76 -8.58
CA VAL A 177 -4.33 -10.47 -9.79
C VAL A 177 -4.31 -9.51 -11.00
N CYS A 178 -3.19 -9.47 -11.71
CA CYS A 178 -3.03 -8.52 -12.81
C CYS A 178 -2.83 -9.17 -14.20
N GLY A 179 -2.02 -8.54 -15.06
CA GLY A 179 -1.85 -8.99 -16.45
C GLY A 179 -3.13 -9.22 -17.27
N SER A 180 -3.10 -10.21 -18.17
CA SER A 180 -4.25 -10.62 -18.99
C SER A 180 -5.56 -10.64 -18.24
N PHE A 181 -5.53 -11.20 -17.05
CA PHE A 181 -6.71 -11.38 -16.23
C PHE A 181 -7.43 -10.06 -16.08
N ARG A 182 -6.72 -9.06 -15.53
CA ARG A 182 -7.33 -7.76 -15.31
C ARG A 182 -7.85 -7.18 -16.62
N ARG A 183 -7.16 -7.48 -17.72
CA ARG A 183 -7.61 -7.03 -19.04
C ARG A 183 -8.80 -7.81 -19.58
N GLY A 184 -9.23 -8.81 -18.82
CA GLY A 184 -10.46 -9.52 -19.12
C GLY A 184 -10.28 -10.76 -19.97
N ALA A 185 -9.03 -11.02 -20.37
CA ALA A 185 -8.71 -12.11 -21.29
C ALA A 185 -9.30 -13.45 -20.85
N GLU A 186 -9.82 -14.21 -21.81
CA GLU A 186 -10.46 -15.49 -21.52
C GLU A 186 -9.38 -16.52 -21.24
N SER A 187 -8.14 -16.19 -21.60
CA SER A 187 -7.04 -17.12 -21.46
C SER A 187 -5.77 -16.38 -21.08
N SER A 188 -5.02 -16.93 -20.14
CA SER A 188 -3.81 -16.29 -19.65
C SER A 188 -2.61 -17.21 -19.83
N GLY A 189 -1.43 -16.62 -19.95
CA GLY A 189 -0.20 -17.38 -19.97
C GLY A 189 0.15 -17.79 -18.55
N ASP A 190 0.40 -16.81 -17.71
CA ASP A 190 0.89 -17.08 -16.38
C ASP A 190 0.30 -16.14 -15.35
N MET A 191 0.15 -16.64 -14.12
CA MET A 191 -0.47 -15.91 -13.04
C MET A 191 0.37 -14.73 -12.57
N ASP A 192 -0.29 -13.61 -12.36
CA ASP A 192 0.38 -12.38 -12.02
C ASP A 192 -0.30 -11.72 -10.82
N VAL A 193 0.38 -11.74 -9.68
CA VAL A 193 -0.19 -11.18 -8.45
C VAL A 193 0.63 -9.99 -7.97
N LEU A 194 -0.06 -8.88 -7.75
CA LEU A 194 0.54 -7.74 -7.09
C LEU A 194 0.17 -7.81 -5.61
N LEU A 195 1.15 -7.76 -4.75
CA LEU A 195 0.86 -7.90 -3.34
C LEU A 195 1.11 -6.56 -2.66
N THR A 196 0.28 -6.26 -1.67
CA THR A 196 0.46 -5.01 -0.93
C THR A 196 0.15 -5.20 0.56
N HIS A 197 1.04 -4.68 1.41
CA HIS A 197 0.81 -4.72 2.87
C HIS A 197 1.09 -3.33 3.51
N PRO A 198 0.25 -2.93 4.51
CA PRO A 198 0.34 -1.61 5.15
C PRO A 198 1.70 -1.34 5.73
N ASN A 199 2.25 -2.28 6.48
CA ASN A 199 3.59 -2.14 7.07
C ASN A 199 4.63 -1.59 6.11
N PHE A 200 4.39 -1.79 4.81
CA PHE A 200 5.35 -1.41 3.75
C PHE A 200 4.92 -0.27 2.83
N THR A 201 5.58 0.88 3.00
CA THR A 201 5.38 2.05 2.13
C THR A 201 6.71 2.43 1.49
N SER A 202 6.68 3.41 0.59
CA SER A 202 7.87 3.84 -0.15
C SER A 202 9.02 4.38 0.73
N GLU A 203 8.69 4.94 1.87
CA GLU A 203 9.72 5.53 2.72
C GLU A 203 10.39 4.47 3.59
N SER A 204 9.70 3.35 3.77
CA SER A 204 10.15 2.26 4.65
C SER A 204 11.12 1.29 3.99
N SER A 205 11.98 0.68 4.80
CA SER A 205 13.03 -0.17 4.27
C SER A 205 12.67 -1.65 4.16
N LYS A 206 12.58 -2.11 2.91
CA LYS A 206 12.53 -3.53 2.50
C LYS A 206 11.34 -4.43 2.91
N GLN A 207 11.45 -5.10 4.04
CA GLN A 207 10.53 -6.14 4.46
CA GLN A 207 10.52 -6.15 4.45
C GLN A 207 10.34 -7.25 3.43
N PRO A 208 11.44 -7.94 3.06
CA PRO A 208 11.38 -9.10 2.16
C PRO A 208 10.43 -10.09 2.76
N LYS A 209 10.39 -10.07 4.08
CA LYS A 209 9.58 -10.95 4.90
C LYS A 209 8.12 -10.96 4.49
N LEU A 210 7.61 -9.80 4.08
CA LEU A 210 6.19 -9.68 3.86
C LEU A 210 5.84 -10.56 2.66
N LEU A 211 6.78 -10.66 1.73
CA LEU A 211 6.61 -11.47 0.53
C LEU A 211 6.88 -12.92 0.84
N HIS A 212 8.06 -13.16 1.42
CA HIS A 212 8.55 -14.51 1.66
C HIS A 212 7.61 -15.34 2.52
N ARG A 213 6.83 -14.68 3.37
CA ARG A 213 5.90 -15.40 4.22
C ARG A 213 4.65 -15.89 3.49
N VAL A 214 4.13 -15.10 2.53
CA VAL A 214 3.02 -15.60 1.69
C VAL A 214 3.52 -16.64 0.70
N VAL A 215 4.80 -16.55 0.36
CA VAL A 215 5.40 -17.59 -0.43
C VAL A 215 5.47 -18.85 0.41
N GLU A 216 6.32 -18.81 1.44
CA GLU A 216 6.54 -19.97 2.34
C GLU A 216 5.24 -20.63 2.74
N GLN A 217 4.19 -19.84 2.94
CA GLN A 217 2.87 -20.42 3.21
C GLN A 217 2.25 -21.12 2.02
N LEU A 218 2.33 -20.49 0.85
CA LEU A 218 1.70 -21.03 -0.34
C LEU A 218 2.38 -22.36 -0.70
N GLN A 219 3.66 -22.47 -0.37
CA GLN A 219 4.36 -23.74 -0.49
C GLN A 219 3.75 -24.78 0.46
N LYS A 220 3.55 -24.42 1.72
CA LYS A 220 3.07 -25.38 2.74
C LYS A 220 1.73 -26.02 2.34
N VAL A 221 0.82 -25.22 1.80
CA VAL A 221 -0.44 -25.74 1.28
C VAL A 221 -0.28 -26.23 -0.16
N ARG A 222 0.97 -26.51 -0.54
CA ARG A 222 1.33 -27.25 -1.75
C ARG A 222 0.71 -26.71 -3.06
N PHE A 223 0.67 -25.40 -3.19
CA PHE A 223 0.15 -24.79 -4.39
C PHE A 223 1.30 -24.21 -5.16
N ILE A 224 2.38 -23.91 -4.47
CA ILE A 224 3.60 -23.52 -5.14
C ILE A 224 4.49 -24.74 -5.05
N THR A 225 5.15 -25.10 -6.14
CA THR A 225 5.91 -26.33 -6.15
C THR A 225 7.35 -26.06 -6.49
N ASP A 226 7.61 -24.89 -7.10
CA ASP A 226 8.97 -24.54 -7.47
C ASP A 226 9.25 -23.05 -7.43
N THR A 227 10.53 -22.73 -7.38
CA THR A 227 10.97 -21.34 -7.34
C THR A 227 12.00 -21.08 -8.45
N LEU A 228 11.78 -20.04 -9.25
CA LEU A 228 12.76 -19.64 -10.26
C LEU A 228 13.67 -18.53 -9.75
N SER A 229 13.10 -17.65 -8.93
CA SER A 229 13.87 -16.55 -8.36
C SER A 229 13.01 -15.90 -7.30
N LYS A 230 13.64 -15.48 -6.20
CA LYS A 230 12.91 -14.89 -5.08
C LYS A 230 13.75 -13.83 -4.38
N GLY A 231 13.30 -12.58 -4.42
CA GLY A 231 14.10 -11.49 -3.87
C GLY A 231 13.36 -10.61 -2.89
N GLU A 232 13.92 -9.42 -2.64
CA GLU A 232 13.28 -8.41 -1.80
C GLU A 232 11.88 -8.08 -2.30
N THR A 233 11.78 -7.64 -3.56
CA THR A 233 10.52 -7.23 -4.16
C THR A 233 9.77 -8.35 -4.87
N LYS A 234 10.50 -9.25 -5.53
CA LYS A 234 9.87 -10.15 -6.51
C LYS A 234 10.11 -11.68 -6.39
N PHE A 235 9.01 -12.43 -6.51
CA PHE A 235 9.05 -13.89 -6.59
C PHE A 235 8.57 -14.43 -7.92
N MET A 236 9.39 -15.27 -8.52
CA MET A 236 9.03 -15.93 -9.77
C MET A 236 9.16 -17.42 -9.58
N GLY A 237 8.07 -18.15 -9.82
CA GLY A 237 8.09 -19.57 -9.57
C GLY A 237 6.99 -20.34 -10.26
N VAL A 238 6.67 -21.50 -9.70
CA VAL A 238 5.75 -22.42 -10.32
C VAL A 238 4.62 -22.78 -9.38
N CYS A 239 3.39 -22.64 -9.84
CA CYS A 239 2.28 -23.14 -9.06
C CYS A 239 1.65 -24.38 -9.73
N GLN A 240 0.55 -24.86 -9.14
CA GLN A 240 -0.30 -25.89 -9.74
C GLN A 240 -1.56 -26.10 -8.90
N LEU A 241 -2.73 -26.00 -9.53
CA LEU A 241 -4.01 -26.23 -8.85
C LEU A 241 -4.17 -27.66 -8.27
N PRO A 242 -4.96 -27.82 -7.19
CA PRO A 242 -5.00 -29.09 -6.44
C PRO A 242 -5.55 -30.23 -7.26
N SER A 243 -4.72 -31.25 -7.46
CA SER A 243 -5.14 -32.48 -8.11
C SER A 243 -6.44 -33.02 -7.52
N GLU A 244 -7.56 -32.69 -8.17
CA GLU A 244 -8.89 -33.07 -7.73
C GLU A 244 -9.04 -34.59 -7.61
N ASN A 245 -8.22 -35.16 -6.74
CA ASN A 245 -8.11 -36.61 -6.56
C ASN A 245 -7.62 -37.33 -7.81
N ASP A 246 -6.32 -37.63 -7.84
CA ASP A 246 -5.70 -38.60 -8.75
C ASP A 246 -5.89 -38.46 -10.28
N GLU A 247 -4.76 -38.27 -10.97
CA GLU A 247 -4.64 -38.53 -12.42
C GLU A 247 -5.13 -37.43 -13.38
N ASN A 248 -6.35 -36.95 -13.19
CA ASN A 248 -6.91 -35.90 -14.07
C ASN A 248 -6.20 -34.55 -13.86
N GLU A 249 -5.30 -34.57 -12.89
CA GLU A 249 -4.32 -33.51 -12.59
C GLU A 249 -4.19 -32.34 -13.57
N TYR A 250 -4.23 -31.12 -13.00
CA TYR A 250 -4.00 -29.88 -13.73
C TYR A 250 -2.53 -29.71 -14.04
N PRO A 251 -2.22 -29.02 -15.15
CA PRO A 251 -0.82 -28.71 -15.45
C PRO A 251 -0.19 -27.65 -14.53
N HIS A 252 1.14 -27.60 -14.53
CA HIS A 252 1.90 -26.64 -13.74
C HIS A 252 2.00 -25.26 -14.40
N ARG A 253 1.71 -24.22 -13.64
CA ARG A 253 1.69 -22.88 -14.22
C ARG A 253 2.81 -22.01 -13.69
N ARG A 254 3.07 -20.90 -14.37
CA ARG A 254 4.07 -19.95 -13.91
C ARG A 254 3.32 -18.94 -13.10
N ILE A 255 4.00 -18.36 -12.11
CA ILE A 255 3.36 -17.39 -11.24
C ILE A 255 4.37 -16.40 -10.72
N ASP A 256 3.98 -15.13 -10.73
CA ASP A 256 4.78 -14.07 -10.14
C ASP A 256 4.05 -13.45 -8.97
N ILE A 257 4.77 -13.15 -7.90
CA ILE A 257 4.18 -12.38 -6.82
C ILE A 257 5.07 -11.18 -6.62
N ARG A 258 4.57 -10.00 -6.97
N ARG A 258 4.57 -9.99 -6.97
CA ARG A 258 5.33 -8.78 -6.72
CA ARG A 258 5.31 -8.76 -6.73
C ARG A 258 4.85 -8.02 -5.47
C ARG A 258 4.85 -8.04 -5.45
N LEU A 259 5.80 -7.56 -4.65
CA LEU A 259 5.46 -6.80 -3.44
C LEU A 259 5.58 -5.28 -3.65
N GLN A 260 4.43 -4.61 -3.70
CA GLN A 260 4.37 -3.18 -3.98
C GLN A 260 4.12 -2.30 -2.75
N PRO A 261 4.83 -1.17 -2.66
CA PRO A 261 4.59 -0.19 -1.60
C PRO A 261 3.12 0.20 -1.63
N LYS A 262 2.49 0.30 -0.46
CA LYS A 262 1.05 0.51 -0.37
C LYS A 262 0.62 1.86 -0.95
N ASP A 263 1.53 2.83 -0.87
CA ASP A 263 1.23 4.20 -1.28
C ASP A 263 1.37 4.38 -2.78
N GLN A 264 2.14 3.49 -3.39
CA GLN A 264 2.34 3.48 -4.83
C GLN A 264 1.62 2.28 -5.41
N TYR A 265 0.42 2.00 -4.92
CA TYR A 265 -0.35 0.87 -5.43
C TYR A 265 -0.76 1.13 -6.85
N TYR A 266 -1.41 2.28 -7.08
CA TYR A 266 -1.97 2.60 -8.40
C TYR A 266 -0.95 2.54 -9.54
N CYS A 267 0.19 3.21 -9.38
CA CYS A 267 1.29 3.13 -10.35
C CYS A 267 1.67 1.67 -10.65
N GLY A 268 1.83 0.88 -9.58
CA GLY A 268 2.16 -0.53 -9.68
C GLY A 268 1.12 -1.39 -10.39
N VAL A 269 -0.16 -1.26 -10.03
CA VAL A 269 -1.17 -2.05 -10.72
C VAL A 269 -1.35 -1.55 -12.15
N LEU A 270 -0.81 -0.38 -12.47
CA LEU A 270 -0.82 0.10 -13.84
C LEU A 270 0.21 -0.66 -14.65
N TYR A 271 1.45 -0.65 -14.14
CA TYR A 271 2.59 -1.34 -14.77
C TYR A 271 2.30 -2.79 -15.13
N PHE A 272 1.63 -3.51 -14.24
CA PHE A 272 1.30 -4.89 -14.49
C PHE A 272 0.32 -4.93 -15.62
N THR A 273 -0.98 -4.86 -15.32
CA THR A 273 -2.02 -4.97 -16.36
C THR A 273 -1.48 -4.40 -17.62
N GLY A 274 -0.88 -5.27 -18.40
CA GLY A 274 -0.25 -4.87 -19.65
C GLY A 274 -1.13 -4.25 -20.72
N SER A 275 -0.83 -4.52 -21.99
CA SER A 275 0.28 -5.38 -22.36
C SER A 275 1.61 -4.69 -22.16
N ASP A 276 2.68 -5.44 -22.34
CA ASP A 276 4.00 -4.84 -22.42
C ASP A 276 4.11 -3.80 -23.54
N ILE A 277 3.33 -3.96 -24.60
CA ILE A 277 3.32 -2.97 -25.66
C ILE A 277 2.53 -1.70 -25.24
N PHE A 278 1.42 -1.89 -24.54
CA PHE A 278 0.67 -0.78 -23.99
C PHE A 278 1.56 -0.02 -22.99
N ASN A 279 2.37 -0.75 -22.23
CA ASN A 279 3.27 -0.10 -21.28
C ASN A 279 4.37 0.66 -22.00
N LYS A 280 4.70 0.22 -23.21
CA LYS A 280 5.75 0.89 -23.99
C LYS A 280 5.20 2.06 -24.83
N ASN A 281 3.95 1.93 -25.28
CA ASN A 281 3.28 3.06 -25.90
C ASN A 281 3.20 4.17 -24.88
N MET A 282 2.44 3.91 -23.82
CA MET A 282 2.17 4.87 -22.74
C MET A 282 3.43 5.49 -22.14
N ARG A 283 4.48 4.71 -22.04
CA ARG A 283 5.70 5.24 -21.47
C ARG A 283 6.41 6.17 -22.44
N ALA A 284 6.56 5.72 -23.68
CA ALA A 284 7.14 6.56 -24.71
C ALA A 284 6.27 7.80 -24.90
N HIS A 285 4.99 7.61 -25.17
CA HIS A 285 4.07 8.74 -25.38
C HIS A 285 3.84 9.54 -24.11
N ALA A 286 4.82 9.49 -23.20
CA ALA A 286 4.84 10.31 -21.98
C ALA A 286 6.09 11.17 -22.02
N LEU A 287 7.18 10.60 -22.50
CA LEU A 287 8.45 11.31 -22.56
C LEU A 287 8.48 12.38 -23.65
N GLU A 288 7.38 12.55 -24.38
CA GLU A 288 7.25 13.74 -25.23
C GLU A 288 6.69 14.84 -24.36
N LYS A 289 5.87 14.44 -23.40
CA LYS A 289 5.28 15.34 -22.44
C LYS A 289 6.23 15.56 -21.25
N GLY A 290 7.45 15.05 -21.38
CA GLY A 290 8.48 15.21 -20.36
C GLY A 290 8.23 14.56 -19.02
N PHE A 291 7.64 13.36 -19.04
CA PHE A 291 7.41 12.58 -17.82
C PHE A 291 8.06 11.20 -17.89
N THR A 292 8.43 10.64 -16.75
CA THR A 292 9.04 9.29 -16.68
C THR A 292 8.24 8.31 -15.83
N ILE A 293 7.11 7.83 -16.36
CA ILE A 293 6.32 6.81 -15.68
C ILE A 293 7.14 5.57 -15.29
N ASN A 294 7.02 5.16 -14.04
CA ASN A 294 7.66 3.95 -13.53
C ASN A 294 6.60 2.91 -13.25
N GLU A 295 7.02 1.87 -12.52
CA GLU A 295 6.05 0.98 -11.89
C GLU A 295 5.80 1.50 -10.46
N TYR A 296 6.56 2.54 -10.11
CA TYR A 296 6.47 3.18 -8.81
C TYR A 296 5.95 4.64 -8.87
N THR A 297 6.45 5.40 -9.84
CA THR A 297 6.33 6.85 -9.78
C THR A 297 6.30 7.54 -11.14
N ILE A 298 5.30 8.40 -11.34
CA ILE A 298 5.35 9.32 -12.47
C ILE A 298 6.05 10.55 -11.95
N ARG A 299 6.84 11.20 -12.79
CA ARG A 299 7.61 12.36 -12.34
C ARG A 299 8.12 13.23 -13.50
N PRO A 300 7.99 14.56 -13.37
CA PRO A 300 8.49 15.49 -14.38
C PRO A 300 9.93 15.21 -14.77
N LEU A 301 10.23 15.33 -16.06
CA LEU A 301 11.60 15.19 -16.57
C LEU A 301 12.13 16.57 -16.93
N GLY A 302 12.77 17.23 -15.97
CA GLY A 302 13.14 18.62 -16.06
C GLY A 302 14.09 19.08 -17.16
N VAL A 303 14.85 20.13 -16.87
CA VAL A 303 15.70 20.80 -17.86
C VAL A 303 16.58 19.86 -18.67
N THR A 304 17.64 19.34 -18.05
CA THR A 304 18.52 18.37 -18.69
C THR A 304 17.86 16.99 -18.65
N GLY A 305 18.42 16.09 -17.85
CA GLY A 305 17.84 14.77 -17.70
C GLY A 305 17.43 14.51 -16.26
N VAL A 306 17.55 15.56 -15.44
CA VAL A 306 17.16 15.52 -14.04
C VAL A 306 15.68 15.20 -13.89
N ALA A 307 15.35 14.08 -13.25
CA ALA A 307 13.96 13.68 -13.05
C ALA A 307 13.44 14.15 -11.68
N GLY A 308 12.61 15.19 -11.72
CA GLY A 308 12.10 15.83 -10.52
C GLY A 308 11.35 14.93 -9.55
N GLU A 309 11.01 15.53 -8.40
CA GLU A 309 10.30 14.85 -7.33
C GLU A 309 8.93 14.39 -7.81
N PRO A 310 8.54 13.14 -7.48
CA PRO A 310 7.43 12.31 -8.00
C PRO A 310 6.18 13.04 -8.45
N LEU A 311 5.02 12.54 -8.03
CA LEU A 311 3.76 13.16 -8.41
C LEU A 311 2.65 12.40 -7.72
N PRO A 312 1.67 13.13 -7.16
CA PRO A 312 0.54 12.52 -6.46
C PRO A 312 -0.35 11.72 -7.40
N VAL A 313 -0.83 10.58 -6.92
CA VAL A 313 -1.72 9.72 -7.69
C VAL A 313 -2.70 9.07 -6.73
N ASP A 314 -3.99 9.17 -7.02
CA ASP A 314 -4.98 8.47 -6.21
C ASP A 314 -5.82 7.55 -7.09
N SER A 315 -5.35 7.35 -8.32
CA SER A 315 -6.07 6.55 -9.31
C SER A 315 -5.20 6.44 -10.54
N GLU A 316 -5.43 5.40 -11.35
CA GLU A 316 -4.75 5.30 -12.65
C GLU A 316 -5.01 6.55 -13.48
N GLN A 317 -6.28 6.87 -13.66
CA GLN A 317 -6.73 8.07 -14.38
C GLN A 317 -5.79 9.26 -14.22
N ASP A 318 -5.26 9.45 -13.02
CA ASP A 318 -4.40 10.60 -12.76
C ASP A 318 -3.09 10.49 -13.53
N ILE A 319 -2.52 9.29 -13.58
CA ILE A 319 -1.38 9.06 -14.45
C ILE A 319 -1.81 9.43 -15.87
N PHE A 320 -2.98 8.94 -16.27
CA PHE A 320 -3.50 9.14 -17.61
C PHE A 320 -3.68 10.61 -17.97
N ASP A 321 -4.10 11.40 -16.99
CA ASP A 321 -4.42 12.78 -17.26
C ASP A 321 -3.20 13.65 -16.98
N TYR A 322 -2.15 13.05 -16.44
CA TYR A 322 -0.89 13.77 -16.26
C TYR A 322 -0.20 14.00 -17.59
N ILE A 323 -0.19 12.96 -18.42
CA ILE A 323 0.57 12.99 -19.66
C ILE A 323 -0.31 13.40 -20.83
N GLN A 324 -1.42 14.04 -20.48
CA GLN A 324 -2.42 14.51 -21.45
C GLN A 324 -2.88 13.38 -22.36
N TRP A 325 -3.29 12.28 -21.76
CA TRP A 325 -3.74 11.12 -22.50
C TRP A 325 -5.16 10.74 -22.11
N ARG A 326 -5.96 10.37 -23.11
CA ARG A 326 -7.31 9.83 -22.93
C ARG A 326 -7.24 8.67 -21.96
N TYR A 327 -8.34 8.35 -21.29
CA TYR A 327 -8.35 7.21 -20.38
C TYR A 327 -8.85 5.94 -21.06
N ARG A 328 -8.18 4.83 -20.79
CA ARG A 328 -8.54 3.55 -21.39
C ARG A 328 -8.51 2.46 -20.33
N GLU A 329 -9.68 1.89 -20.06
CA GLU A 329 -9.86 0.96 -18.95
C GLU A 329 -9.24 -0.40 -19.26
N PRO A 330 -8.92 -1.19 -18.22
CA PRO A 330 -8.31 -2.51 -18.43
C PRO A 330 -9.23 -3.44 -19.22
N LYS A 331 -9.00 -3.47 -20.53
CA LYS A 331 -9.69 -4.32 -21.49
C LYS A 331 -9.43 -3.69 -22.85
N ASP A 332 -8.97 -2.44 -22.83
CA ASP A 332 -8.57 -1.75 -24.06
C ASP A 332 -7.10 -1.40 -23.98
N ARG A 333 -6.35 -2.15 -23.17
CA ARG A 333 -4.93 -1.86 -22.97
C ARG A 333 -3.98 -2.74 -23.80
N SER A 334 -3.73 -2.34 -25.05
CA SER A 334 -2.77 -3.04 -25.93
C SER A 334 -2.18 -2.12 -27.01
N GLU B 9 -6.80 25.47 6.65
CA GLU B 9 -5.64 25.80 5.83
C GLU B 9 -5.07 27.17 6.20
N THR B 10 -4.36 27.77 5.25
CA THR B 10 -3.73 29.08 5.45
C THR B 10 -4.66 30.23 5.08
N LEU B 11 -5.96 29.93 4.94
CA LEU B 11 -6.91 30.91 4.43
C LEU B 11 -7.48 31.83 5.50
N ASN B 12 -8.13 31.23 6.52
CA ASN B 12 -8.57 31.99 7.67
C ASN B 12 -7.77 31.59 8.89
N GLY B 13 -6.45 31.54 8.72
CA GLY B 13 -5.55 31.02 9.73
C GLY B 13 -5.74 31.54 11.14
N GLY B 14 -5.73 32.87 11.27
CA GLY B 14 -5.78 33.56 12.55
C GLY B 14 -6.99 33.24 13.41
N ILE B 15 -8.16 33.26 12.79
CA ILE B 15 -9.41 33.01 13.50
C ILE B 15 -9.49 31.60 14.07
N THR B 16 -8.99 30.63 13.30
CA THR B 16 -8.96 29.23 13.72
C THR B 16 -8.05 29.06 14.95
N ASP B 17 -6.83 29.59 14.83
CA ASP B 17 -5.83 29.41 15.86
C ASP B 17 -6.16 30.12 17.17
N MET B 18 -6.92 31.21 17.11
CA MET B 18 -7.34 31.83 18.36
C MET B 18 -8.62 31.18 18.94
N LEU B 19 -9.48 30.65 18.08
CA LEU B 19 -10.65 29.94 18.54
C LEU B 19 -10.32 28.64 19.29
N VAL B 20 -9.28 27.92 18.84
CA VAL B 20 -8.86 26.73 19.57
C VAL B 20 -7.99 27.08 20.79
N GLU B 21 -7.19 28.14 20.70
CA GLU B 21 -6.38 28.53 21.85
C GLU B 21 -7.31 28.85 23.00
N LEU B 22 -8.40 29.52 22.68
CA LEU B 22 -9.51 29.73 23.58
C LEU B 22 -10.14 28.41 24.04
N ALA B 23 -10.46 27.55 23.09
CA ALA B 23 -10.93 26.19 23.41
C ALA B 23 -10.04 25.42 24.41
N ASN B 24 -8.73 25.57 24.30
CA ASN B 24 -7.85 24.95 25.29
C ASN B 24 -8.18 25.51 26.65
N PHE B 25 -8.02 26.82 26.79
CA PHE B 25 -8.30 27.55 28.03
C PHE B 25 -9.55 27.10 28.79
N GLU B 26 -10.71 27.05 28.13
CA GLU B 26 -11.92 26.75 28.89
C GLU B 26 -12.22 25.26 29.01
N LYS B 27 -11.44 24.43 28.33
CA LYS B 27 -11.44 23.01 28.62
C LYS B 27 -10.63 22.76 29.90
N ASN B 28 -9.44 23.35 29.96
CA ASN B 28 -8.44 23.04 30.97
C ASN B 28 -8.56 23.88 32.24
N VAL B 29 -8.75 25.18 32.06
CA VAL B 29 -8.86 26.07 33.22
C VAL B 29 -10.29 26.20 33.70
N SER B 30 -11.21 26.36 32.76
CA SER B 30 -12.60 26.60 33.14
C SER B 30 -13.32 25.29 33.34
N GLN B 31 -14.47 25.36 34.00
CA GLN B 31 -15.29 24.18 34.17
C GLN B 31 -15.83 23.76 32.81
N ALA B 32 -16.06 24.77 31.97
CA ALA B 32 -17.03 24.74 30.87
C ALA B 32 -16.80 23.78 29.72
N ILE B 33 -17.69 22.80 29.60
CA ILE B 33 -17.74 21.90 28.46
C ILE B 33 -18.61 22.43 27.29
N HIS B 34 -19.70 23.18 27.59
CA HIS B 34 -20.47 23.90 26.60
C HIS B 34 -19.49 24.75 25.82
N LYS B 35 -18.81 25.65 26.52
CA LYS B 35 -17.94 26.63 25.88
C LYS B 35 -16.83 25.96 25.07
N TYR B 36 -16.36 24.81 25.53
CA TYR B 36 -15.27 24.14 24.86
C TYR B 36 -15.62 23.76 23.43
N ASN B 37 -16.71 23.02 23.29
CA ASN B 37 -17.17 22.53 22.00
C ASN B 37 -17.56 23.67 21.09
N ALA B 38 -18.23 24.65 21.67
CA ALA B 38 -18.67 25.82 20.93
C ALA B 38 -17.48 26.49 20.27
N TYR B 39 -16.38 26.70 21.01
CA TYR B 39 -15.22 27.32 20.39
C TYR B 39 -14.63 26.48 19.26
N ARG B 40 -14.81 25.18 19.31
CA ARG B 40 -14.20 24.33 18.29
C ARG B 40 -15.16 23.98 17.14
N LYS B 41 -16.47 23.94 17.41
CA LYS B 41 -17.45 23.85 16.32
C LYS B 41 -17.31 25.09 15.45
N ALA B 42 -17.11 26.23 16.13
CA ALA B 42 -16.83 27.51 15.51
C ALA B 42 -15.52 27.49 14.75
N ALA B 43 -14.48 26.94 15.35
CA ALA B 43 -13.22 26.82 14.64
C ALA B 43 -13.41 25.92 13.41
N SER B 44 -14.33 24.97 13.51
CA SER B 44 -14.52 23.95 12.49
C SER B 44 -15.36 24.46 11.31
N VAL B 45 -16.26 25.41 11.53
CA VAL B 45 -17.07 25.93 10.42
C VAL B 45 -16.26 26.88 9.56
N ILE B 46 -15.40 27.70 10.17
CA ILE B 46 -14.68 28.72 9.41
C ILE B 46 -13.58 28.07 8.58
N ALA B 47 -12.94 27.05 9.15
CA ALA B 47 -11.93 26.27 8.44
C ALA B 47 -12.44 25.77 7.07
N LYS B 48 -13.74 25.51 6.98
CA LYS B 48 -14.37 25.05 5.75
C LYS B 48 -14.86 26.21 4.87
N TYR B 49 -15.22 27.34 5.49
CA TYR B 49 -15.74 28.52 4.79
C TYR B 49 -14.82 28.98 3.69
N PRO B 50 -15.32 28.98 2.45
CA PRO B 50 -14.64 29.31 1.18
C PRO B 50 -13.82 30.61 1.17
N HIS B 51 -14.32 31.68 1.77
CA HIS B 51 -13.70 32.99 1.58
C HIS B 51 -12.95 33.54 2.79
N LYS B 52 -12.03 34.46 2.52
CA LYS B 52 -11.35 35.20 3.58
C LYS B 52 -12.37 36.06 4.34
N ILE B 53 -12.31 36.04 5.68
CA ILE B 53 -13.30 36.73 6.51
C ILE B 53 -12.90 38.17 6.88
N LYS B 54 -13.87 39.09 6.83
CA LYS B 54 -13.62 40.52 6.99
C LYS B 54 -14.44 41.17 8.12
N SER B 55 -15.41 40.43 8.64
CA SER B 55 -16.32 40.97 9.64
C SER B 55 -16.89 39.88 10.54
N GLY B 56 -17.30 40.24 11.75
CA GLY B 56 -17.93 39.27 12.62
C GLY B 56 -19.26 38.81 12.03
N ALA B 57 -19.95 39.75 11.38
CA ALA B 57 -21.27 39.52 10.78
C ALA B 57 -21.20 38.41 9.76
N GLU B 58 -20.18 38.50 8.91
CA GLU B 58 -19.84 37.44 7.98
C GLU B 58 -19.81 36.11 8.72
N ALA B 59 -18.89 35.98 9.68
CA ALA B 59 -18.78 34.75 10.47
C ALA B 59 -20.06 34.38 11.20
N LYS B 60 -20.74 35.37 11.79
CA LYS B 60 -21.99 35.14 12.51
C LYS B 60 -22.97 34.31 11.65
N LYS B 61 -22.95 34.58 10.35
CA LYS B 61 -23.85 33.95 9.37
C LYS B 61 -23.74 32.43 9.37
N LEU B 62 -22.65 31.92 9.92
CA LEU B 62 -22.44 30.47 10.01
C LEU B 62 -23.26 29.84 11.14
N PRO B 63 -23.46 28.51 11.10
CA PRO B 63 -24.09 27.80 12.20
C PRO B 63 -23.04 27.27 13.20
N GLY B 64 -22.66 28.14 14.13
CA GLY B 64 -21.61 27.79 15.05
C GLY B 64 -20.97 29.04 15.57
N VAL B 65 -21.12 30.10 14.78
CA VAL B 65 -20.64 31.40 15.19
C VAL B 65 -21.85 32.26 15.53
N GLY B 66 -21.90 32.72 16.78
CA GLY B 66 -22.98 33.54 17.30
C GLY B 66 -22.45 34.87 17.77
N THR B 67 -23.17 35.56 18.65
CA THR B 67 -22.83 36.96 18.86
C THR B 67 -21.48 37.23 19.53
N LYS B 68 -21.11 36.39 20.51
CA LYS B 68 -19.90 36.62 21.31
C LYS B 68 -18.67 36.33 20.49
N ILE B 69 -18.83 35.32 19.67
CA ILE B 69 -17.76 34.78 18.88
C ILE B 69 -17.52 35.78 17.76
N ALA B 70 -18.62 36.27 17.19
CA ALA B 70 -18.58 37.31 16.19
C ALA B 70 -17.92 38.60 16.71
N GLU B 71 -18.30 39.02 17.92
CA GLU B 71 -17.74 40.26 18.46
C GLU B 71 -16.28 40.10 18.85
N LYS B 72 -15.80 38.86 18.81
CA LYS B 72 -14.41 38.54 19.10
C LYS B 72 -13.57 38.49 17.83
N ILE B 73 -14.20 38.04 16.75
CA ILE B 73 -13.56 38.01 15.44
C ILE B 73 -13.34 39.45 14.93
N ASP B 74 -14.28 40.35 15.25
CA ASP B 74 -14.16 41.77 14.89
C ASP B 74 -12.94 42.39 15.56
N GLU B 75 -12.72 42.01 16.83
CA GLU B 75 -11.60 42.51 17.64
C GLU B 75 -10.27 41.95 17.15
N PHE B 76 -10.31 40.76 16.58
CA PHE B 76 -9.09 40.14 16.07
C PHE B 76 -8.65 40.78 14.75
N LEU B 77 -9.58 40.91 13.82
CA LEU B 77 -9.31 41.55 12.54
C LEU B 77 -8.86 43.00 12.79
N ALA B 78 -9.66 43.74 13.56
CA ALA B 78 -9.41 45.16 13.86
C ALA B 78 -8.07 45.40 14.53
N THR B 79 -7.74 44.55 15.49
CA THR B 79 -6.55 44.76 16.32
C THR B 79 -5.33 43.93 15.90
N GLY B 80 -5.54 42.67 15.55
CA GLY B 80 -4.45 41.76 15.25
C GLY B 80 -4.29 40.73 16.35
N LYS B 81 -4.88 40.99 17.52
CA LYS B 81 -4.89 40.01 18.61
C LYS B 81 -6.24 39.99 19.32
N LEU B 82 -6.34 39.12 20.32
CA LEU B 82 -7.44 39.19 21.28
C LEU B 82 -6.89 39.52 22.70
N ARG B 83 -7.52 40.45 23.42
CA ARG B 83 -7.07 40.78 24.76
C ARG B 83 -7.31 39.60 25.68
N LYS B 84 -8.48 38.98 25.55
CA LYS B 84 -8.84 37.88 26.43
C LYS B 84 -7.75 36.84 26.51
N LEU B 85 -7.13 36.53 25.37
CA LEU B 85 -6.06 35.56 25.30
C LEU B 85 -4.75 36.10 25.85
N GLU B 86 -4.37 37.30 25.41
CA GLU B 86 -3.09 37.89 25.79
C GLU B 86 -2.97 37.85 27.29
N LYS B 87 -4.11 38.07 27.95
CA LYS B 87 -4.22 37.96 29.40
C LYS B 87 -4.00 36.53 29.92
N ILE B 88 -4.75 35.58 29.35
CA ILE B 88 -4.60 34.15 29.66
C ILE B 88 -3.16 33.68 29.49
N ARG B 89 -2.52 34.17 28.44
CA ARG B 89 -1.15 33.81 28.16
C ARG B 89 -0.16 34.36 29.18
N GLN B 90 -0.62 35.28 30.02
CA GLN B 90 0.25 35.86 31.02
C GLN B 90 -0.21 35.49 32.43
N ASP B 91 -1.28 34.70 32.50
CA ASP B 91 -1.80 34.28 33.81
C ASP B 91 -1.05 33.06 34.33
N ASP B 92 -0.40 33.21 35.48
CA ASP B 92 0.35 32.11 36.07
C ASP B 92 -0.52 30.87 36.24
N THR B 93 -1.60 31.01 36.99
CA THR B 93 -2.48 29.89 37.33
C THR B 93 -2.95 29.13 36.10
N SER B 94 -3.46 29.87 35.12
CA SER B 94 -3.98 29.25 33.91
C SER B 94 -2.88 28.58 33.08
N SER B 95 -1.73 29.23 33.01
CA SER B 95 -0.59 28.70 32.28
C SER B 95 0.12 27.56 33.01
N SER B 96 -0.14 27.41 34.30
CA SER B 96 0.42 26.25 35.01
C SER B 96 -0.48 25.03 34.84
N ILE B 97 -1.79 25.25 34.89
CA ILE B 97 -2.74 24.17 34.66
C ILE B 97 -2.51 23.60 33.26
N ASN B 98 -2.30 24.47 32.28
CA ASN B 98 -1.99 24.03 30.90
C ASN B 98 -0.78 23.10 30.82
N PHE B 99 0.26 23.40 31.60
CA PHE B 99 1.47 22.59 31.58
C PHE B 99 1.31 21.19 32.17
N LEU B 100 0.98 21.13 33.46
CA LEU B 100 0.69 19.86 34.14
C LEU B 100 -0.22 18.92 33.32
N THR B 101 -1.21 19.50 32.68
CA THR B 101 -2.03 18.81 31.67
C THR B 101 -1.18 17.98 30.68
N ARG B 102 0.03 18.45 30.37
CA ARG B 102 0.93 17.73 29.45
C ARG B 102 1.45 16.40 29.99
N VAL B 103 1.07 16.05 31.21
CA VAL B 103 1.40 14.74 31.77
C VAL B 103 0.21 13.79 31.66
N THR B 104 0.47 12.54 31.24
CA THR B 104 -0.57 11.52 31.10
C THR B 104 -1.06 11.11 32.51
N GLY B 105 -2.37 11.01 32.68
CA GLY B 105 -2.96 10.72 33.98
C GLY B 105 -3.57 11.96 34.59
N ILE B 106 -2.79 13.05 34.58
CA ILE B 106 -3.24 14.39 34.93
C ILE B 106 -4.17 15.01 33.85
N GLY B 107 -5.42 15.29 34.23
CA GLY B 107 -6.37 15.93 33.34
C GLY B 107 -6.50 17.41 33.66
N PRO B 108 -7.71 17.97 33.55
CA PRO B 108 -7.87 19.38 33.90
C PRO B 108 -8.30 19.56 35.36
N SER B 109 -8.90 18.54 35.96
CA SER B 109 -9.27 18.57 37.38
C SER B 109 -8.10 18.31 38.32
N ALA B 110 -7.36 17.24 38.07
CA ALA B 110 -6.23 16.88 38.93
C ALA B 110 -5.12 17.90 38.78
N ALA B 111 -5.17 18.68 37.71
CA ALA B 111 -4.20 19.74 37.49
C ALA B 111 -4.63 21.04 38.20
N ARG B 112 -5.95 21.27 38.34
CA ARG B 112 -6.50 22.40 39.10
C ARG B 112 -6.13 22.26 40.56
N LYS B 113 -6.42 21.06 41.10
CA LYS B 113 -6.07 20.69 42.47
C LYS B 113 -4.59 20.86 42.75
N LEU B 114 -3.76 20.46 41.81
CA LEU B 114 -2.32 20.53 41.99
C LEU B 114 -1.82 21.97 41.96
N VAL B 115 -2.50 22.81 41.19
CA VAL B 115 -2.18 24.24 41.20
C VAL B 115 -2.69 24.87 42.50
N ASP B 116 -3.80 24.37 43.02
CA ASP B 116 -4.36 24.81 44.32
C ASP B 116 -3.39 24.73 45.47
N GLU B 117 -2.30 23.99 45.29
CA GLU B 117 -1.14 24.12 46.18
C GLU B 117 -0.10 25.00 45.49
N GLY B 118 1.11 24.49 45.34
CA GLY B 118 2.16 25.26 44.69
C GLY B 118 2.97 24.40 43.74
N ILE B 119 2.32 23.43 43.10
CA ILE B 119 2.99 22.55 42.16
C ILE B 119 2.76 23.04 40.75
N LYS B 120 3.84 23.40 40.07
CA LYS B 120 3.75 24.00 38.75
C LYS B 120 4.77 23.39 37.78
N THR B 121 5.93 23.02 38.29
CA THR B 121 6.93 22.35 37.47
C THR B 121 6.99 20.86 37.77
N LEU B 122 7.74 20.14 36.93
CA LEU B 122 8.06 18.73 37.20
C LEU B 122 8.89 18.62 38.47
N GLU B 123 9.84 19.54 38.66
CA GLU B 123 10.52 19.73 39.93
C GLU B 123 9.51 19.64 41.07
N ASP B 124 8.58 20.59 41.10
CA ASP B 124 7.49 20.59 42.07
C ASP B 124 6.69 19.29 42.10
N LEU B 125 6.49 18.66 40.94
CA LEU B 125 5.77 17.39 40.86
C LEU B 125 6.56 16.24 41.48
N ARG B 126 7.87 16.30 41.37
CA ARG B 126 8.71 15.21 41.85
C ARG B 126 8.85 15.29 43.36
N LYS B 127 8.83 16.50 43.88
CA LYS B 127 8.89 16.72 45.33
C LYS B 127 7.54 16.39 45.96
N ASN B 128 6.46 16.49 45.18
CA ASN B 128 5.14 16.10 45.68
C ASN B 128 4.56 14.89 44.97
N GLU B 129 5.42 13.92 44.67
CA GLU B 129 5.03 12.72 43.95
C GLU B 129 4.05 11.88 44.75
N ASP B 130 3.98 12.15 46.05
CA ASP B 130 3.09 11.45 46.96
C ASP B 130 1.63 11.78 46.73
N LYS B 131 1.39 12.70 45.80
CA LYS B 131 0.06 13.22 45.49
C LYS B 131 -0.48 12.62 44.19
N LEU B 132 0.35 11.86 43.51
CA LEU B 132 -0.01 11.28 42.21
C LEU B 132 -0.40 9.82 42.30
N ASN B 133 -1.37 9.43 41.48
CA ASN B 133 -1.63 8.02 41.21
C ASN B 133 -0.56 7.36 40.33
N HIS B 134 -0.69 6.05 40.20
CA HIS B 134 0.22 5.28 39.40
C HIS B 134 0.41 5.83 38.00
N HIS B 135 -0.69 5.91 37.25
CA HIS B 135 -0.68 6.45 35.89
C HIS B 135 0.13 7.73 35.84
N GLN B 136 -0.20 8.67 36.72
CA GLN B 136 0.44 9.99 36.80
C GLN B 136 1.93 9.97 37.14
N ARG B 137 2.35 9.09 38.04
CA ARG B 137 3.78 8.97 38.35
C ARG B 137 4.59 8.42 37.17
N ILE B 138 4.04 7.43 36.48
CA ILE B 138 4.69 6.89 35.28
C ILE B 138 4.88 8.02 34.26
N GLY B 139 3.76 8.58 33.80
CA GLY B 139 3.79 9.79 33.01
C GLY B 139 4.79 10.83 33.46
N LEU B 140 4.86 11.09 34.76
CA LEU B 140 5.83 12.03 35.27
C LEU B 140 7.27 11.54 35.04
N LYS B 141 7.48 10.24 35.25
CA LYS B 141 8.78 9.59 35.07
C LYS B 141 9.28 9.64 33.62
N TYR B 142 8.36 9.45 32.65
CA TYR B 142 8.74 9.54 31.24
C TYR B 142 8.04 10.73 30.58
N PHE B 143 8.01 11.87 31.26
CA PHE B 143 7.32 13.04 30.72
C PHE B 143 7.90 13.45 29.38
N GLU B 144 9.22 13.54 29.33
CA GLU B 144 9.95 13.94 28.15
C GLU B 144 9.81 12.90 27.03
N ASP B 145 10.18 11.64 27.32
CA ASP B 145 10.11 10.57 26.32
C ASP B 145 8.73 10.55 25.70
N PHE B 146 7.69 10.44 26.52
CA PHE B 146 6.33 10.34 26.00
C PHE B 146 5.89 11.43 25.01
N GLU B 147 6.56 12.59 24.98
CA GLU B 147 6.17 13.58 23.98
C GLU B 147 7.01 13.65 22.71
N LYS B 148 8.17 13.00 22.72
CA LYS B 148 8.85 12.66 21.47
C LYS B 148 7.92 11.87 20.51
N ARG B 149 8.10 12.08 19.21
CA ARG B 149 7.42 11.26 18.19
C ARG B 149 8.17 9.95 17.92
N ILE B 150 7.60 9.10 17.06
CA ILE B 150 8.28 7.86 16.66
C ILE B 150 8.39 7.71 15.15
N PRO B 151 9.63 7.63 14.64
CA PRO B 151 9.80 7.27 13.21
C PRO B 151 9.22 5.91 12.87
N ARG B 152 8.74 5.77 11.63
CA ARG B 152 8.19 4.51 11.13
C ARG B 152 9.16 3.37 11.35
N GLU B 153 10.46 3.68 11.31
CA GLU B 153 11.51 2.68 11.55
C GLU B 153 11.33 1.98 12.89
N GLU B 154 11.21 2.77 13.94
CA GLU B 154 11.02 2.21 15.26
C GLU B 154 9.71 1.42 15.32
N MET B 155 8.65 2.01 14.79
CA MET B 155 7.36 1.32 14.67
C MET B 155 7.42 -0.08 14.02
N LEU B 156 8.06 -0.18 12.87
CA LEU B 156 8.13 -1.44 12.13
C LEU B 156 8.83 -2.46 12.99
N GLN B 157 9.78 -1.96 13.75
CA GLN B 157 10.70 -2.79 14.50
C GLN B 157 10.02 -3.21 15.79
N MET B 158 9.22 -2.30 16.34
CA MET B 158 8.43 -2.59 17.52
C MET B 158 7.39 -3.61 17.12
N GLN B 159 6.96 -3.51 15.87
CA GLN B 159 5.94 -4.40 15.34
C GLN B 159 6.37 -5.85 15.17
N ASP B 160 7.56 -6.10 14.65
CA ASP B 160 8.09 -7.46 14.70
C ASP B 160 8.99 -7.65 15.93
N ILE B 161 8.39 -7.40 17.08
CA ILE B 161 8.91 -7.75 18.37
C ILE B 161 7.64 -8.22 19.04
N VAL B 162 6.56 -7.47 18.80
CA VAL B 162 5.25 -7.86 19.25
C VAL B 162 4.72 -8.99 18.38
N LEU B 163 5.12 -9.03 17.12
CA LEU B 163 4.62 -10.05 16.21
C LEU B 163 5.68 -11.12 16.18
N ASN B 164 6.71 -10.95 16.99
CA ASN B 164 7.70 -12.02 17.13
C ASN B 164 7.37 -12.87 18.33
N GLU B 165 7.13 -12.22 19.47
CA GLU B 165 6.83 -12.92 20.71
C GLU B 165 5.43 -13.50 20.69
N VAL B 166 4.57 -12.90 19.89
CA VAL B 166 3.19 -13.36 19.82
C VAL B 166 3.12 -14.70 19.09
N LYS B 167 3.99 -14.88 18.10
CA LYS B 167 3.96 -16.07 17.25
C LYS B 167 4.79 -17.20 17.84
N LYS B 168 5.86 -16.84 18.56
CA LYS B 168 6.60 -17.78 19.37
C LYS B 168 5.65 -18.48 20.34
N LEU B 169 4.60 -17.77 20.75
CA LEU B 169 3.62 -18.28 21.70
C LEU B 169 2.50 -19.02 21.00
N ASP B 170 2.09 -18.53 19.85
CA ASP B 170 0.97 -19.12 19.13
C ASP B 170 0.85 -18.53 17.73
N PRO B 171 1.17 -19.32 16.71
CA PRO B 171 1.12 -18.81 15.34
C PRO B 171 -0.31 -18.55 14.79
N GLU B 172 -1.34 -18.77 15.61
CA GLU B 172 -2.71 -18.44 15.19
C GLU B 172 -2.97 -17.00 15.56
N TYR B 173 -1.98 -16.38 16.19
CA TYR B 173 -2.13 -15.03 16.74
C TYR B 173 -2.01 -13.96 15.68
N ILE B 174 -3.09 -13.23 15.49
CA ILE B 174 -3.08 -12.08 14.60
C ILE B 174 -2.90 -10.81 15.43
N ALA B 175 -1.82 -10.10 15.14
CA ALA B 175 -1.50 -8.86 15.85
C ALA B 175 -1.25 -7.76 14.84
N THR B 176 -2.28 -6.94 14.59
CA THR B 176 -2.18 -5.92 13.53
C THR B 176 -2.08 -4.53 14.09
N VAL B 177 -1.08 -3.80 13.63
CA VAL B 177 -0.81 -2.47 14.14
C VAL B 177 -1.83 -1.46 13.59
N CYS B 178 -2.32 -0.57 14.44
CA CYS B 178 -3.28 0.42 13.98
C CYS B 178 -2.91 1.87 14.28
N GLY B 179 -3.92 2.68 14.52
CA GLY B 179 -3.71 4.07 14.85
C GLY B 179 -3.37 4.94 13.65
N SER B 180 -2.10 5.31 13.54
CA SER B 180 -1.66 6.26 12.53
C SER B 180 -0.48 5.70 11.75
N PHE B 181 0.21 4.73 12.34
CA PHE B 181 1.04 3.84 11.56
C PHE B 181 0.01 2.92 10.93
N ARG B 182 -0.50 3.35 9.79
CA ARG B 182 -1.58 2.71 9.02
C ARG B 182 -2.05 3.82 8.12
N ARG B 183 -1.22 4.86 8.11
CA ARG B 183 -1.05 5.76 7.02
C ARG B 183 0.45 5.68 6.98
N GLY B 184 0.96 4.60 7.59
CA GLY B 184 2.37 4.24 7.66
C GLY B 184 3.27 5.39 8.05
N ALA B 185 2.61 6.51 8.43
CA ALA B 185 3.15 7.86 8.48
C ALA B 185 4.49 7.93 9.19
N GLU B 186 5.41 8.75 8.66
CA GLU B 186 6.77 8.81 9.21
C GLU B 186 6.84 9.03 10.73
N SER B 187 5.74 9.47 11.34
CA SER B 187 5.72 9.67 12.79
C SER B 187 4.45 9.14 13.44
N SER B 188 4.63 8.48 14.58
CA SER B 188 3.55 8.15 15.51
C SER B 188 3.94 8.64 16.91
N GLY B 189 2.98 8.70 17.84
CA GLY B 189 3.31 9.10 19.20
C GLY B 189 2.65 8.22 20.25
N ASP B 190 2.66 6.92 19.99
CA ASP B 190 1.92 5.92 20.75
C ASP B 190 2.10 4.65 19.93
N MET B 191 1.82 3.48 20.50
CA MET B 191 1.69 2.28 19.69
C MET B 191 0.33 1.65 19.93
N ASP B 192 -0.31 1.16 18.87
CA ASP B 192 -1.67 0.64 18.99
C ASP B 192 -1.79 -0.74 18.33
N VAL B 193 -2.01 -1.78 19.12
CA VAL B 193 -2.06 -3.14 18.59
C VAL B 193 -3.42 -3.80 18.76
N LEU B 194 -4.10 -4.06 17.66
CA LEU B 194 -5.29 -4.91 17.71
C LEU B 194 -4.84 -6.37 17.68
N LEU B 195 -5.24 -7.12 18.69
CA LEU B 195 -4.84 -8.51 18.84
C LEU B 195 -6.08 -9.39 18.70
N THR B 196 -5.94 -10.51 17.99
CA THR B 196 -7.01 -11.49 17.90
C THR B 196 -6.51 -12.93 17.95
N HIS B 197 -7.08 -13.73 18.85
CA HIS B 197 -6.87 -15.18 18.80
C HIS B 197 -8.21 -15.82 18.43
N PRO B 198 -8.15 -16.93 17.66
CA PRO B 198 -9.30 -17.73 17.22
C PRO B 198 -10.34 -18.11 18.29
N ASN B 199 -9.93 -18.18 19.55
CA ASN B 199 -10.85 -18.61 20.61
C ASN B 199 -11.78 -17.51 21.14
N PHE B 200 -12.12 -16.53 20.31
CA PHE B 200 -12.92 -15.39 20.75
C PHE B 200 -14.03 -14.93 19.82
N THR B 201 -15.25 -15.42 20.06
CA THR B 201 -16.42 -14.96 19.32
C THR B 201 -17.02 -13.76 20.03
N SER B 202 -18.26 -13.43 19.69
CA SER B 202 -18.92 -12.25 20.25
C SER B 202 -19.87 -12.60 21.40
N GLU B 203 -19.99 -13.90 21.67
CA GLU B 203 -20.79 -14.37 22.79
C GLU B 203 -19.98 -15.28 23.71
N SER B 204 -19.06 -16.04 23.13
CA SER B 204 -18.33 -17.08 23.86
C SER B 204 -16.92 -16.63 24.28
N SER B 205 -16.58 -16.97 25.52
CA SER B 205 -15.30 -16.61 26.16
C SER B 205 -15.07 -15.12 26.29
N LYS B 206 -14.63 -14.69 27.47
CA LYS B 206 -14.18 -13.32 27.66
C LYS B 206 -12.78 -13.40 28.24
N GLN B 207 -12.19 -14.59 28.09
CA GLN B 207 -10.85 -14.91 28.57
CA GLN B 207 -10.85 -14.91 28.57
C GLN B 207 -9.86 -13.77 28.37
N PRO B 208 -9.55 -13.03 29.44
CA PRO B 208 -8.55 -11.99 29.25
C PRO B 208 -7.16 -12.61 29.22
N LYS B 209 -7.06 -13.85 29.66
CA LYS B 209 -5.77 -14.52 29.77
C LYS B 209 -4.99 -14.45 28.46
N LEU B 210 -5.70 -14.58 27.34
CA LEU B 210 -5.08 -14.51 26.02
C LEU B 210 -4.51 -13.12 25.71
N LEU B 211 -4.97 -12.12 26.46
CA LEU B 211 -4.35 -10.80 26.41
C LEU B 211 -3.22 -10.78 27.40
N HIS B 212 -3.52 -11.21 28.61
CA HIS B 212 -2.59 -11.11 29.72
C HIS B 212 -1.33 -11.93 29.46
N ARG B 213 -1.50 -13.05 28.76
CA ARG B 213 -0.36 -13.90 28.41
C ARG B 213 0.72 -13.13 27.64
N VAL B 214 0.31 -12.45 26.58
CA VAL B 214 1.30 -11.74 25.74
C VAL B 214 1.83 -10.49 26.46
N VAL B 215 1.03 -9.94 27.36
CA VAL B 215 1.58 -8.90 28.22
C VAL B 215 2.74 -9.47 29.02
N GLU B 216 2.43 -10.44 29.88
CA GLU B 216 3.45 -11.10 30.69
C GLU B 216 4.62 -11.63 29.87
N GLN B 217 4.36 -11.93 28.60
CA GLN B 217 5.42 -12.32 27.68
C GLN B 217 6.33 -11.15 27.30
N LEU B 218 5.72 -10.09 26.76
CA LEU B 218 6.49 -8.95 26.31
C LEU B 218 7.30 -8.33 27.44
N GLN B 219 6.81 -8.46 28.67
CA GLN B 219 7.60 -8.10 29.84
C GLN B 219 8.87 -8.99 30.03
N LYS B 220 8.80 -10.25 29.59
CA LYS B 220 9.91 -11.19 29.80
C LYS B 220 11.17 -10.84 29.01
N VAL B 221 10.99 -10.33 27.79
CA VAL B 221 12.11 -9.87 26.98
C VAL B 221 12.43 -8.40 27.27
N ARG B 222 12.07 -7.97 28.49
CA ARG B 222 12.05 -6.55 28.90
C ARG B 222 11.61 -5.53 27.83
N PHE B 223 10.54 -5.83 27.11
CA PHE B 223 10.02 -4.92 26.10
C PHE B 223 8.94 -4.00 26.65
N ILE B 224 7.86 -4.58 27.18
CA ILE B 224 6.90 -3.81 27.96
C ILE B 224 7.57 -3.55 29.30
N THR B 225 7.55 -2.31 29.78
CA THR B 225 8.26 -2.03 31.03
C THR B 225 7.35 -1.67 32.21
N ASP B 226 6.31 -0.88 31.95
CA ASP B 226 5.43 -0.44 33.01
C ASP B 226 3.99 -0.63 32.60
N THR B 227 3.10 -0.65 33.60
CA THR B 227 1.68 -0.81 33.31
C THR B 227 0.86 0.38 33.81
N LEU B 228 0.09 0.99 32.91
CA LEU B 228 -0.82 2.07 33.29
C LEU B 228 -2.20 1.51 33.65
N SER B 229 -2.73 0.63 32.81
CA SER B 229 -3.89 -0.15 33.21
C SER B 229 -3.89 -1.50 32.49
N LYS B 230 -4.62 -2.46 33.02
CA LYS B 230 -4.74 -3.75 32.36
C LYS B 230 -6.10 -4.36 32.62
N GLY B 231 -7.01 -4.19 31.67
CA GLY B 231 -8.35 -4.73 31.81
C GLY B 231 -8.48 -6.14 31.29
N GLU B 232 -9.66 -6.46 30.76
CA GLU B 232 -9.87 -7.75 30.11
C GLU B 232 -9.73 -7.64 28.59
N THR B 233 -10.03 -6.47 28.03
CA THR B 233 -9.87 -6.26 26.60
C THR B 233 -8.94 -5.11 26.26
N LYS B 234 -8.30 -4.53 27.28
CA LYS B 234 -7.41 -3.39 27.05
C LYS B 234 -6.22 -3.34 27.99
N PHE B 235 -5.05 -3.28 27.40
CA PHE B 235 -3.83 -2.99 28.14
C PHE B 235 -3.21 -1.65 27.72
N MET B 236 -2.89 -0.80 28.67
CA MET B 236 -2.23 0.45 28.34
C MET B 236 -0.96 0.54 29.13
N GLY B 237 0.18 0.36 28.48
CA GLY B 237 1.43 0.30 29.21
C GLY B 237 2.48 1.19 28.60
N VAL B 238 3.73 0.86 28.87
CA VAL B 238 4.84 1.56 28.23
C VAL B 238 5.94 0.57 27.81
N CYS B 239 6.51 0.80 26.64
CA CYS B 239 7.51 -0.10 26.11
C CYS B 239 8.79 0.61 25.70
N GLN B 240 9.81 -0.17 25.38
CA GLN B 240 11.08 0.36 24.93
C GLN B 240 11.78 -0.66 24.04
N LEU B 241 12.29 -0.22 22.89
CA LEU B 241 13.08 -1.10 22.02
C LEU B 241 14.34 -1.59 22.75
N PRO B 242 14.96 -2.69 22.26
CA PRO B 242 16.17 -3.23 22.88
C PRO B 242 17.31 -2.23 23.05
N SER B 243 17.53 -1.85 24.31
CA SER B 243 18.75 -1.16 24.72
C SER B 243 19.95 -1.98 24.27
N GLU B 244 20.32 -1.84 23.00
CA GLU B 244 21.32 -2.69 22.39
C GLU B 244 22.76 -2.26 22.72
N ASN B 245 23.64 -3.25 22.88
CA ASN B 245 25.07 -3.02 23.10
C ASN B 245 25.42 -2.17 24.31
N ASP B 246 26.66 -1.69 24.38
CA ASP B 246 27.18 -0.96 25.53
C ASP B 246 26.36 0.30 25.86
N GLU B 247 25.08 0.07 26.18
CA GLU B 247 24.08 1.12 26.36
C GLU B 247 23.85 1.95 25.11
N ASN B 248 22.68 1.76 24.50
CA ASN B 248 22.21 2.60 23.41
C ASN B 248 20.73 2.86 23.62
N GLU B 249 20.41 3.54 24.72
CA GLU B 249 19.04 3.74 25.13
C GLU B 249 18.16 4.30 24.02
N TYR B 250 17.01 3.66 23.82
CA TYR B 250 15.96 4.22 23.01
C TYR B 250 14.98 4.82 23.99
N PRO B 251 14.23 5.86 23.57
CA PRO B 251 13.23 6.43 24.46
C PRO B 251 12.16 5.41 24.83
N HIS B 252 11.38 5.69 25.87
CA HIS B 252 10.26 4.83 26.24
C HIS B 252 9.05 5.32 25.49
N ARG B 253 8.15 4.41 25.17
CA ARG B 253 7.09 4.70 24.23
C ARG B 253 5.78 4.08 24.72
N ARG B 254 4.74 4.89 24.78
CA ARG B 254 3.38 4.45 25.06
C ARG B 254 2.92 3.29 24.17
N ILE B 255 2.18 2.36 24.76
CA ILE B 255 1.69 1.17 24.05
C ILE B 255 0.27 0.80 24.48
N ASP B 256 -0.54 0.35 23.52
CA ASP B 256 -1.92 -0.06 23.81
C ASP B 256 -2.16 -1.38 23.08
N ILE B 257 -2.76 -2.35 23.76
CA ILE B 257 -3.09 -3.61 23.11
C ILE B 257 -4.52 -3.98 23.37
N ARG B 258 -5.32 -3.99 22.31
N ARG B 258 -5.33 -4.02 22.33
CA ARG B 258 -6.73 -4.32 22.41
CA ARG B 258 -6.75 -4.29 22.50
C ARG B 258 -6.94 -5.76 22.00
C ARG B 258 -7.04 -5.69 21.98
N LEU B 259 -7.61 -6.53 22.84
CA LEU B 259 -7.98 -7.88 22.47
C LEU B 259 -9.39 -7.79 21.92
N GLN B 260 -9.54 -8.16 20.65
CA GLN B 260 -10.76 -7.90 19.86
C GLN B 260 -11.43 -9.17 19.39
N PRO B 261 -12.77 -9.25 19.56
CA PRO B 261 -13.55 -10.38 19.05
C PRO B 261 -13.21 -10.60 17.60
N LYS B 262 -12.40 -11.62 17.34
CA LYS B 262 -11.99 -12.00 15.99
C LYS B 262 -13.19 -12.05 15.06
N ASP B 263 -14.32 -12.52 15.58
CA ASP B 263 -15.60 -12.45 14.88
C ASP B 263 -15.86 -11.09 14.24
N GLN B 264 -16.03 -10.06 15.06
CA GLN B 264 -16.23 -8.71 14.54
C GLN B 264 -14.90 -7.96 14.34
N TYR B 265 -13.96 -8.59 13.63
CA TYR B 265 -12.62 -8.01 13.42
C TYR B 265 -12.62 -6.68 12.69
N TYR B 266 -13.38 -6.58 11.61
CA TYR B 266 -13.27 -5.40 10.76
C TYR B 266 -13.83 -4.10 11.38
N CYS B 267 -14.73 -4.22 12.34
CA CYS B 267 -15.20 -3.03 13.06
C CYS B 267 -14.13 -2.56 14.03
N GLY B 268 -13.46 -3.52 14.66
CA GLY B 268 -12.44 -3.22 15.63
C GLY B 268 -11.25 -2.50 15.04
N VAL B 269 -10.94 -2.84 13.79
CA VAL B 269 -9.80 -2.23 13.10
C VAL B 269 -10.22 -0.86 12.56
N LEU B 270 -11.51 -0.70 12.30
CA LEU B 270 -12.06 0.57 11.81
C LEU B 270 -11.83 1.66 12.86
N TYR B 271 -12.24 1.40 14.09
CA TYR B 271 -12.09 2.34 15.20
C TYR B 271 -10.63 2.57 15.47
N PHE B 272 -9.94 1.48 15.74
CA PHE B 272 -8.59 1.55 16.26
C PHE B 272 -7.59 2.17 15.27
N THR B 273 -8.01 2.46 14.04
CA THR B 273 -7.18 3.32 13.20
C THR B 273 -7.80 4.67 12.94
N GLY B 274 -9.13 4.64 12.74
CA GLY B 274 -9.89 5.68 12.05
C GLY B 274 -9.20 7.02 12.01
N SER B 275 -9.51 7.82 13.03
CA SER B 275 -8.61 8.84 13.58
C SER B 275 -9.40 9.54 14.64
N ASP B 276 -8.65 10.29 15.44
CA ASP B 276 -9.19 11.32 16.30
C ASP B 276 -10.49 11.83 15.73
N ILE B 277 -10.37 12.54 14.62
CA ILE B 277 -11.46 13.31 13.98
C ILE B 277 -12.33 12.50 13.00
N PHE B 278 -11.70 11.61 12.22
CA PHE B 278 -12.38 10.84 11.19
C PHE B 278 -13.53 10.02 11.74
N ASN B 279 -13.27 9.32 12.83
CA ASN B 279 -14.27 8.42 13.39
C ASN B 279 -15.55 9.14 13.74
N LYS B 280 -15.46 10.29 14.38
CA LYS B 280 -16.70 10.98 14.74
C LYS B 280 -17.41 11.56 13.51
N ASN B 281 -16.64 12.13 12.57
CA ASN B 281 -17.22 12.60 11.31
C ASN B 281 -17.96 11.48 10.60
N MET B 282 -17.33 10.31 10.55
CA MET B 282 -17.90 9.14 9.91
C MET B 282 -19.04 8.64 10.76
N ARG B 283 -18.85 8.71 12.07
CA ARG B 283 -19.90 8.31 12.97
C ARG B 283 -21.01 9.36 13.01
N ALA B 284 -20.70 10.59 12.60
CA ALA B 284 -21.73 11.62 12.47
C ALA B 284 -22.55 11.40 11.21
N HIS B 285 -21.86 11.06 10.13
CA HIS B 285 -22.53 10.74 8.87
C HIS B 285 -23.40 9.50 9.07
N ALA B 286 -22.90 8.56 9.88
CA ALA B 286 -23.60 7.31 10.14
C ALA B 286 -24.93 7.51 10.87
N LEU B 287 -25.04 8.63 11.58
CA LEU B 287 -26.25 8.92 12.34
C LEU B 287 -27.28 9.65 11.49
N GLU B 288 -26.81 10.57 10.66
CA GLU B 288 -27.73 11.34 9.82
C GLU B 288 -28.30 10.50 8.69
N LYS B 289 -28.05 9.19 8.75
CA LYS B 289 -28.75 8.24 7.90
C LYS B 289 -29.54 7.25 8.76
N GLY B 290 -28.88 6.68 9.76
CA GLY B 290 -29.59 5.80 10.68
C GLY B 290 -28.85 4.55 11.07
N PHE B 291 -27.62 4.70 11.53
CA PHE B 291 -26.80 3.55 11.86
C PHE B 291 -25.85 3.88 13.01
N THR B 292 -25.61 2.93 13.90
CA THR B 292 -24.67 3.17 15.02
C THR B 292 -23.47 2.22 15.06
N ILE B 293 -22.32 2.78 14.72
CA ILE B 293 -21.05 2.08 14.66
C ILE B 293 -20.31 2.26 15.96
N ASN B 294 -20.21 1.19 16.74
CA ASN B 294 -19.30 1.13 17.89
C ASN B 294 -18.15 0.22 17.48
N GLU B 295 -17.04 0.29 18.20
CA GLU B 295 -15.83 -0.44 17.81
C GLU B 295 -16.03 -1.96 17.75
N TYR B 296 -17.27 -2.40 17.91
CA TYR B 296 -17.57 -3.82 17.86
C TYR B 296 -18.51 -4.15 16.71
N THR B 297 -19.62 -3.43 16.62
CA THR B 297 -20.65 -3.77 15.65
C THR B 297 -21.25 -2.56 14.94
N ILE B 298 -21.75 -2.80 13.73
CA ILE B 298 -22.50 -1.79 12.99
C ILE B 298 -24.00 -2.11 13.11
N ARG B 299 -24.75 -1.15 13.65
CA ARG B 299 -26.13 -1.37 14.07
C ARG B 299 -27.05 -0.32 13.45
N PRO B 300 -28.10 -0.76 12.76
CA PRO B 300 -29.11 0.17 12.25
C PRO B 300 -29.91 0.73 13.41
N LEU B 301 -30.20 2.03 13.40
CA LEU B 301 -31.00 2.59 14.48
C LEU B 301 -32.38 1.94 14.48
N GLY B 302 -32.77 1.40 15.63
CA GLY B 302 -34.12 0.89 15.80
C GLY B 302 -35.03 2.08 15.60
N VAL B 303 -35.81 2.04 14.52
CA VAL B 303 -36.57 3.20 14.07
C VAL B 303 -37.57 3.70 15.12
N THR B 304 -37.04 4.01 16.30
CA THR B 304 -37.79 4.63 17.39
C THR B 304 -36.77 5.52 18.10
N GLY B 305 -35.77 4.85 18.68
CA GLY B 305 -34.66 5.50 19.35
C GLY B 305 -33.64 4.46 19.76
N VAL B 306 -34.12 3.24 19.97
CA VAL B 306 -33.28 2.09 20.35
C VAL B 306 -32.44 1.64 19.16
N ALA B 307 -31.64 0.58 19.33
CA ALA B 307 -30.79 0.09 18.26
C ALA B 307 -31.04 -1.40 17.94
N GLY B 308 -31.10 -1.70 16.65
CA GLY B 308 -31.40 -3.06 16.20
C GLY B 308 -30.23 -4.01 16.25
N GLU B 309 -30.39 -5.16 15.60
CA GLU B 309 -29.38 -6.19 15.60
C GLU B 309 -28.09 -5.73 14.92
N PRO B 310 -26.95 -6.28 15.37
CA PRO B 310 -25.70 -6.17 14.63
C PRO B 310 -25.76 -6.96 13.31
N LEU B 311 -25.79 -6.24 12.20
CA LEU B 311 -25.83 -6.85 10.88
C LEU B 311 -24.42 -7.25 10.43
N PRO B 312 -24.30 -8.19 9.46
CA PRO B 312 -22.99 -8.78 9.16
C PRO B 312 -21.97 -7.85 8.50
N VAL B 313 -20.70 -8.21 8.64
CA VAL B 313 -19.58 -7.58 7.94
C VAL B 313 -18.61 -8.66 7.50
N ASP B 314 -17.69 -8.30 6.61
CA ASP B 314 -16.59 -9.19 6.27
C ASP B 314 -15.40 -8.42 5.71
N SER B 315 -15.54 -7.09 5.67
CA SER B 315 -14.47 -6.17 5.31
C SER B 315 -14.87 -4.74 5.71
N GLU B 316 -13.89 -3.84 5.74
CA GLU B 316 -14.16 -2.43 6.06
C GLU B 316 -15.08 -1.84 4.99
N GLN B 317 -14.96 -2.40 3.78
CA GLN B 317 -15.73 -1.90 2.66
C GLN B 317 -17.23 -2.09 2.85
N ASP B 318 -17.61 -3.22 3.46
CA ASP B 318 -19.02 -3.49 3.74
C ASP B 318 -19.60 -2.34 4.55
N ILE B 319 -18.80 -1.85 5.52
CA ILE B 319 -19.20 -0.84 6.48
C ILE B 319 -19.43 0.55 5.89
N PHE B 320 -18.58 0.96 4.95
CA PHE B 320 -18.75 2.24 4.25
C PHE B 320 -19.97 2.32 3.32
N ASP B 321 -20.50 1.15 2.95
CA ASP B 321 -21.60 1.15 2.01
C ASP B 321 -22.94 1.27 2.70
N TYR B 322 -23.06 0.69 3.89
CA TYR B 322 -24.28 0.90 4.67
C TYR B 322 -24.45 2.39 4.80
N ILE B 323 -23.37 3.04 5.26
CA ILE B 323 -23.36 4.47 5.55
C ILE B 323 -23.27 5.33 4.28
N GLN B 324 -23.59 4.74 3.12
CA GLN B 324 -23.69 5.51 1.88
C GLN B 324 -22.39 6.22 1.51
N TRP B 325 -21.32 5.92 2.26
CA TRP B 325 -20.04 6.61 2.16
C TRP B 325 -19.12 5.93 1.17
N ARG B 326 -18.31 6.73 0.49
CA ARG B 326 -17.26 6.19 -0.35
C ARG B 326 -16.07 5.75 0.51
N TYR B 327 -15.48 4.62 0.15
CA TYR B 327 -14.41 4.02 0.94
C TYR B 327 -13.17 4.91 1.03
N ARG B 328 -12.73 5.19 2.24
CA ARG B 328 -11.54 5.99 2.43
C ARG B 328 -10.35 5.08 2.74
N GLU B 329 -9.40 5.02 1.80
CA GLU B 329 -8.17 4.29 2.07
C GLU B 329 -7.61 4.96 3.31
N PRO B 330 -7.04 4.16 4.22
CA PRO B 330 -6.60 4.69 5.51
C PRO B 330 -5.64 5.87 5.38
N LYS B 331 -4.88 5.93 4.29
CA LYS B 331 -3.94 7.03 4.08
C LYS B 331 -4.60 8.40 4.11
N ASP B 332 -5.93 8.45 4.12
CA ASP B 332 -6.69 9.71 4.14
C ASP B 332 -7.76 9.76 5.23
N ARG B 333 -7.44 9.27 6.42
CA ARG B 333 -8.44 9.33 7.46
C ARG B 333 -8.14 10.40 8.53
N SER B 334 -7.32 11.38 8.16
CA SER B 334 -7.12 12.56 9.01
C SER B 334 -8.32 13.52 8.90
PA D3T G . 2.82 -10.82 -19.09
O1A D3T G . 2.42 -11.94 -18.14
O2A D3T G . 4.13 -11.08 -19.78
O5' D3T G . 2.99 -9.39 -18.40
C5' D3T G . 3.05 -9.18 -17.00
C4' D3T G . 3.09 -7.67 -16.93
O4' D3T G . 4.42 -7.22 -17.09
C1' D3T G . 4.50 -5.97 -17.74
N1 D3T G . 5.53 -6.12 -18.73
C6 D3T G . 5.70 -7.33 -19.28
C2 D3T G . 6.32 -5.02 -19.13
O2 D3T G . 6.07 -3.90 -18.59
N3 D3T G . 7.28 -5.17 -20.05
C4 D3T G . 7.52 -6.34 -20.62
O4 D3T G . 8.41 -6.48 -21.51
C5 D3T G . 6.69 -7.51 -20.24
C5M D3T G . 6.90 -8.86 -20.84
C2' D3T G . 3.18 -5.80 -18.46
C3' D3T G . 2.41 -7.07 -18.14
O3A D3T G . 1.61 -10.44 -20.07
PB D3T G . 0.16 -11.09 -19.89
O1B D3T G . -0.06 -11.85 -18.58
O2B D3T G . -0.82 -9.97 -20.05
O3B D3T G . 0.09 -12.05 -21.19
PG D3T G . -0.17 -13.63 -21.08
O1G D3T G . -1.62 -13.87 -20.69
O2G D3T G . 0.12 -14.23 -22.44
O3G D3T G . 0.76 -14.25 -20.07
NA NA H . 4.85 -12.82 -15.77
NA NA I . 0.80 -12.94 -17.14
NA NA J . 13.31 -18.91 -23.06
NA NA K . 8.41 6.84 -19.30
PA D3T L . -4.33 7.76 18.92
O1A D3T L . -3.18 6.78 18.82
O2A D3T L . -4.10 8.73 20.06
O5' D3T L . -5.75 7.03 19.04
C5' D3T L . -5.72 5.64 18.75
C4' D3T L . -6.97 5.28 17.98
O4' D3T L . -8.10 5.33 18.85
C1' D3T L . -9.19 5.96 18.18
N1 D3T L . -9.68 7.13 18.92
C6 D3T L . -8.83 8.00 19.51
C2 D3T L . -11.07 7.33 18.95
O2 D3T L . -11.79 6.50 18.36
N3 D3T L . -11.61 8.38 19.58
C4 D3T L . -10.84 9.29 20.20
O4 D3T L . -11.34 10.26 20.79
C5 D3T L . -9.37 9.10 20.19
C5M D3T L . -8.48 10.11 20.89
C2' D3T L . -8.67 6.49 16.85
C3' D3T L . -7.17 6.31 16.88
O3A D3T L . -4.49 8.51 17.53
PB D3T L . -3.31 8.32 16.48
O1B D3T L . -3.26 6.86 16.14
O2B D3T L . -3.59 9.18 15.27
O3B D3T L . -1.99 8.77 17.30
PG D3T L . -0.79 9.69 16.75
O1G D3T L . -1.16 10.48 15.51
O2G D3T L . -0.46 10.67 17.84
O3G D3T L . 0.45 8.89 16.46
NA NA M . -1.00 5.86 17.89
NA NA N . -2.54 14.97 30.09
NA NA O . -22.40 6.09 14.72
#